data_7SSA
#
_entry.id   7SSA
#
_cell.length_a   1.00
_cell.length_b   1.00
_cell.length_c   1.00
_cell.angle_alpha   90.00
_cell.angle_beta   90.00
_cell.angle_gamma   90.00
#
_symmetry.space_group_name_H-M   'P 1'
#
loop_
_entity.id
_entity.type
_entity.pdbx_description
1 polymer 'Histone H3.2'
2 polymer 'Histone H4'
3 polymer 'Histone H2A.1'
4 polymer 'Histone H2B.1'
5 polymer 'Centromere-binding protein 1'
6 polymer 'DNA (137-MER)'
7 polymer 'DNA (137-MER)'
#
loop_
_entity_poly.entity_id
_entity_poly.type
_entity_poly.pdbx_seq_one_letter_code
_entity_poly.pdbx_strand_id
1 'polypeptide(L)'
;ARTKQTARKSTGGKAPRKQLATKAARKSAPATGGVKKPHRYRPGTVALREIRRYQKSTELLIRKLPFQRLVREIAQDFKT
DLRFQSSAVMALQEASEAYLVALFEDTNLCAIHAKRVTIMPKDIQLARRIRGERA
;
A,E
2 'polypeptide(L)'
;MSGRGKGGKGLGKGGAKRHRKVLRDNIQGITKPAIRRLARRGGVKRISGLIYEETRGVLKVFLENVIRDAVTYTEHAKRK
TVTAMDVVYALKRQGRTLYGFGG
;
B,F
3 'polypeptide(L)'
;SGGKGGKAGSAAKASQSRSAKAGLTFPVGRVHRLLRRGNYAQRIGSGAPVYLTAVLEYLAAEILELAGNAARDNKKTRII
PRHLQLAIRNDDELNKLLGNVTIAQGGVLPNIHQNLLPKKSAKATKASQEL
;
C,G
4 'polypeptide(L)'
;SAKAEKKPASKAPAEKKPAAKKTSTSTDGKKRSKARKETYSSYIYKVLKQTHPDTGISQKSMSILNSFVNDIFERIATEA
SKLAAYNKKSTISAREIQTAVRLILPGELAKHAVSEGTRAVTKYSSSTQA
;
D,H
5 'polypeptide(L)'
;GSNSLANNNKLSTEDEEIHSARKRGYNEEQNYSEARKKQRDQGLLSQESNDGNIDSALLSEGATLKGTQSQYESGLTSNK
DEKGSDDEDASVAEAAVAATVNYTDLIQGQEDSSDAHTSNQTNANGEHKDSLNGERAITPSNEGVKPNTSLEGMTSSPME
STQQSKNDMLIPLAEHDRGPEHQQDDEDNDDADIDLKKDISMQPGRRGRKPTTLATTDEWKKQRKDSHKEVERRRRENIN
TAINVLSDLLPVRESSKAAILACAAEYIQKLKETDEANIEKWTLQKLLSEQNASQLASANEKLQEELGNAYKEIEYMKRV
LRKEGIEYEDMHTHKKQENERKSTRSDNPHEA
;
K,L
6 'polydeoxyribonucleotide'
;(DA)(DT)(DC)(DG)(DG)(DA)(DG)(DA)(DG)(DG)(DT)(DC)(DA)(DC)(DG)(DT)(DG)(DA)(DC)(DC)
(DA)(DG)(DG)(DC)(DC)(DG)(DC)(DT)(DC)(DA)(DA)(DT)(DT)(DG)(DG)(DT)(DC)(DG)(DT)(DA)
(DG)(DA)(DC)(DA)(DG)(DC)(DT)(DC)(DT)(DA)(DG)(DC)(DA)(DC)(DC)(DG)(DC)(DT)(DT)(DA)
(DA)(DA)(DC)(DG)(DC)(DA)(DC)(DG)(DT)(DA)(DC)(DG)(DC)(DG)(DC)(DT)(DG)(DT)(DC)(DC)
(DC)(DC)(DC)(DG)(DC)(DG)(DT)(DT)(DT)(DT)(DA)(DA)(DC)(DC)(DG)(DC)(DC)(DA)(DA)(DG)
(DG)(DG)(DG)(DA)(DT)(DT)(DA)(DC)(DT)(DC)(DC)(DC)(DT)(DA)(DG)(DT)(DC)(DT)(DC)(DC)
(DA)(DG)(DG)(DG)(DA)(DC)(DG)(DT)(DC)(DT)(DC)(DA)(DG)(DA)(DT)(DA)(DT)(DA)(DT)(DA)
(DC)(DA)(DT)(DC)(DC)(DT)(DG)(DA)(DT)
;
I
7 'polydeoxyribonucleotide'
;(DA)(DT)(DC)(DA)(DG)(DG)(DA)(DT)(DG)(DT)(DA)(DT)(DA)(DT)(DA)(DT)(DC)(DT)(DG)(DA)
(DG)(DA)(DC)(DG)(DT)(DC)(DC)(DC)(DT)(DG)(DG)(DA)(DG)(DA)(DC)(DT)(DA)(DG)(DG)(DG)
(DA)(DG)(DT)(DA)(DA)(DT)(DC)(DC)(DC)(DC)(DT)(DT)(DG)(DG)(DC)(DG)(DG)(DT)(DT)(DA)
(DA)(DA)(DA)(DC)(DG)(DC)(DG)(DG)(DG)(DG)(DG)(DA)(DC)(DA)(DG)(DC)(DG)(DC)(DG)(DT)
(DA)(DC)(DG)(DT)(DG)(DC)(DG)(DT)(DT)(DT)(DA)(DA)(DG)(DC)(DG)(DG)(DT)(DG)(DC)(DT)
(DA)(DG)(DA)(DG)(DC)(DT)(DG)(DT)(DC)(DT)(DA)(DC)(DG)(DA)(DC)(DC)(DA)(DA)(DT)(DT)
(DG)(DA)(DG)(DC)(DG)(DG)(DC)(DC)(DT)(DG)(DG)(DT)(DC)(DA)(DC)(DG)(DT)(DG)(DA)(DC)
(DC)(DT)(DC)(DT)(DC)(DC)(DG)(DA)(DT)
;
J
#
loop_
_chem_comp.id
_chem_comp.type
_chem_comp.name
_chem_comp.formula
DA DNA linking 2'-DEOXYADENOSINE-5'-MONOPHOSPHATE 'C10 H14 N5 O6 P'
DC DNA linking 2'-DEOXYCYTIDINE-5'-MONOPHOSPHATE 'C9 H14 N3 O7 P'
DG DNA linking 2'-DEOXYGUANOSINE-5'-MONOPHOSPHATE 'C10 H14 N5 O7 P'
DT DNA linking THYMIDINE-5'-MONOPHOSPHATE 'C10 H15 N2 O8 P'
#
# COMPACT_ATOMS: atom_id res chain seq x y z
N HIS A 39 -31.13 -45.92 10.55
CA HIS A 39 -29.68 -45.63 10.61
C HIS A 39 -29.46 -44.12 10.64
N ARG A 40 -28.40 -43.68 11.28
CA ARG A 40 -28.17 -42.26 11.50
C ARG A 40 -26.71 -42.06 11.88
N TYR A 41 -25.92 -41.41 11.02
CA TYR A 41 -24.55 -41.12 11.40
C TYR A 41 -24.50 -40.11 12.53
N ARG A 42 -23.49 -40.24 13.37
CA ARG A 42 -23.24 -39.27 14.42
C ARG A 42 -22.78 -37.95 13.80
N PRO A 43 -23.08 -36.83 14.45
CA PRO A 43 -22.63 -35.54 13.90
C PRO A 43 -21.13 -35.54 13.65
N GLY A 44 -20.74 -34.98 12.51
CA GLY A 44 -19.36 -34.85 12.13
C GLY A 44 -18.92 -35.79 11.03
N THR A 45 -19.48 -36.99 10.96
CA THR A 45 -19.05 -37.95 9.94
C THR A 45 -19.36 -37.41 8.55
N VAL A 46 -20.59 -36.94 8.34
CA VAL A 46 -20.98 -36.48 7.02
C VAL A 46 -20.21 -35.23 6.64
N ALA A 47 -19.89 -34.38 7.61
CA ALA A 47 -19.09 -33.19 7.33
C ALA A 47 -17.73 -33.58 6.78
N LEU A 48 -17.04 -34.53 7.42
CA LEU A 48 -15.75 -34.96 6.90
C LEU A 48 -15.89 -35.65 5.55
N ARG A 49 -16.96 -36.43 5.36
CA ARG A 49 -17.18 -37.02 4.04
C ARG A 49 -17.31 -35.94 2.97
N GLU A 50 -18.06 -34.89 3.27
CA GLU A 50 -18.24 -33.81 2.31
C GLU A 50 -16.93 -33.09 2.06
N ILE A 51 -16.13 -32.89 3.11
CA ILE A 51 -14.83 -32.27 2.93
C ILE A 51 -13.97 -33.10 1.99
N ARG A 52 -13.93 -34.41 2.21
CA ARG A 52 -13.13 -35.28 1.35
C ARG A 52 -13.62 -35.22 -0.09
N ARG A 53 -14.94 -35.30 -0.27
CA ARG A 53 -15.50 -35.27 -1.62
C ARG A 53 -15.13 -33.97 -2.33
N TYR A 54 -15.31 -32.83 -1.66
CA TYR A 54 -15.15 -31.55 -2.33
C TYR A 54 -13.70 -31.12 -2.41
N GLN A 55 -12.80 -31.77 -1.69
CA GLN A 55 -11.38 -31.54 -1.87
C GLN A 55 -10.78 -32.46 -2.92
N LYS A 56 -11.42 -33.60 -3.19
CA LYS A 56 -11.03 -34.40 -4.35
C LYS A 56 -11.52 -33.74 -5.64
N SER A 57 -12.76 -33.27 -5.64
CA SER A 57 -13.39 -32.84 -6.89
C SER A 57 -12.93 -31.44 -7.28
N THR A 58 -13.15 -31.12 -8.55
CA THR A 58 -12.68 -29.88 -9.14
C THR A 58 -13.76 -29.03 -9.79
N GLU A 59 -15.04 -29.39 -9.65
CA GLU A 59 -16.08 -28.66 -10.34
C GLU A 59 -16.47 -27.41 -9.58
N LEU A 60 -17.20 -26.53 -10.25
CA LEU A 60 -17.73 -25.34 -9.61
C LEU A 60 -18.85 -25.71 -8.64
N LEU A 61 -19.07 -24.83 -7.67
CA LEU A 61 -19.92 -25.12 -6.53
C LEU A 61 -21.16 -24.25 -6.45
N ILE A 62 -21.11 -23.02 -6.90
CA ILE A 62 -22.27 -22.14 -6.94
C ILE A 62 -23.05 -22.44 -8.20
N ARG A 63 -24.36 -22.24 -8.14
CA ARG A 63 -25.19 -22.42 -9.31
C ARG A 63 -24.89 -21.34 -10.34
N LYS A 64 -24.98 -21.70 -11.62
CA LYS A 64 -24.50 -20.81 -12.67
C LYS A 64 -25.51 -19.73 -12.99
N LEU A 65 -26.78 -20.09 -13.15
CA LEU A 65 -27.80 -19.10 -13.46
C LEU A 65 -28.02 -18.10 -12.33
N PRO A 66 -28.16 -18.53 -11.06
CA PRO A 66 -28.27 -17.54 -9.98
C PRO A 66 -27.06 -16.61 -9.89
N PHE A 67 -25.87 -17.15 -10.09
CA PHE A 67 -24.68 -16.32 -10.07
C PHE A 67 -24.70 -15.32 -11.22
N GLN A 68 -25.12 -15.76 -12.40
CA GLN A 68 -25.16 -14.84 -13.54
C GLN A 68 -26.16 -13.73 -13.31
N ARG A 69 -27.31 -14.07 -12.72
CA ARG A 69 -28.28 -13.04 -12.37
C ARG A 69 -27.70 -12.04 -11.39
N LEU A 70 -26.98 -12.54 -10.38
CA LEU A 70 -26.34 -11.62 -9.43
C LEU A 70 -25.34 -10.72 -10.14
N VAL A 71 -24.55 -11.29 -11.04
CA VAL A 71 -23.54 -10.52 -11.74
C VAL A 71 -24.18 -9.39 -12.54
N ARG A 72 -25.25 -9.71 -13.27
CA ARG A 72 -25.91 -8.67 -14.06
C ARG A 72 -26.53 -7.61 -13.16
N GLU A 73 -27.17 -8.02 -12.06
CA GLU A 73 -27.73 -7.04 -11.14
C GLU A 73 -26.66 -6.10 -10.63
N ILE A 74 -25.49 -6.63 -10.30
CA ILE A 74 -24.41 -5.77 -9.82
C ILE A 74 -23.96 -4.82 -10.93
N ALA A 75 -23.79 -5.34 -12.14
CA ALA A 75 -23.28 -4.52 -13.23
C ALA A 75 -24.27 -3.42 -13.61
N GLN A 76 -25.54 -3.59 -13.27
CA GLN A 76 -26.54 -2.58 -13.62
C GLN A 76 -26.21 -1.22 -13.03
N ASP A 77 -25.40 -1.16 -11.98
CA ASP A 77 -25.12 0.10 -11.29
C ASP A 77 -23.90 0.83 -11.84
N PHE A 78 -23.26 0.32 -12.89
CA PHE A 78 -22.14 0.98 -13.53
C PHE A 78 -22.43 1.44 -14.96
N LYS A 79 -22.99 0.57 -15.79
CA LYS A 79 -23.53 1.00 -17.06
C LYS A 79 -24.78 0.17 -17.34
N THR A 80 -25.81 0.83 -17.88
CA THR A 80 -27.04 0.14 -18.22
C THR A 80 -26.88 -0.58 -19.56
N ASP A 81 -27.54 -1.73 -19.65
CA ASP A 81 -27.64 -2.48 -20.90
C ASP A 81 -26.28 -3.08 -21.28
N LEU A 82 -25.58 -3.65 -20.31
CA LEU A 82 -24.36 -4.36 -20.61
C LEU A 82 -24.64 -5.81 -20.99
N ARG A 83 -23.97 -6.29 -22.02
CA ARG A 83 -23.97 -7.71 -22.36
C ARG A 83 -22.70 -8.36 -21.82
N PHE A 84 -22.81 -9.64 -21.53
CA PHE A 84 -21.74 -10.41 -20.91
C PHE A 84 -21.43 -11.62 -21.76
N GLN A 85 -20.15 -11.83 -22.07
CA GLN A 85 -19.72 -13.09 -22.66
C GLN A 85 -19.83 -14.21 -21.65
N SER A 86 -20.06 -15.43 -22.14
CA SER A 86 -20.09 -16.58 -21.25
C SER A 86 -18.74 -16.78 -20.58
N SER A 87 -17.65 -16.61 -21.35
CA SER A 87 -16.33 -16.75 -20.78
C SER A 87 -16.11 -15.75 -19.64
N ALA A 88 -16.61 -14.53 -19.79
CA ALA A 88 -16.44 -13.52 -18.73
C ALA A 88 -17.18 -13.93 -17.47
N VAL A 89 -18.43 -14.37 -17.60
CA VAL A 89 -19.19 -14.78 -16.43
C VAL A 89 -18.50 -15.95 -15.75
N MET A 90 -17.96 -16.89 -16.54
CA MET A 90 -17.33 -18.05 -15.95
C MET A 90 -16.02 -17.69 -15.25
N ALA A 91 -15.24 -16.77 -15.82
CA ALA A 91 -14.05 -16.29 -15.12
C ALA A 91 -14.41 -15.62 -13.81
N LEU A 92 -15.48 -14.80 -13.82
CA LEU A 92 -15.93 -14.19 -12.58
C LEU A 92 -16.29 -15.25 -11.55
N GLN A 93 -17.05 -16.27 -11.96
CA GLN A 93 -17.47 -17.30 -11.01
C GLN A 93 -16.27 -18.07 -10.46
N GLU A 94 -15.31 -18.42 -11.31
CA GLU A 94 -14.14 -19.15 -10.84
C GLU A 94 -13.34 -18.33 -9.84
N ALA A 95 -13.10 -17.05 -10.16
CA ALA A 95 -12.39 -16.19 -9.23
C ALA A 95 -13.12 -16.11 -7.90
N SER A 96 -14.45 -15.91 -7.95
CA SER A 96 -15.21 -15.77 -6.72
C SER A 96 -15.15 -17.03 -5.87
N GLU A 97 -15.32 -18.19 -6.49
CA GLU A 97 -15.29 -19.43 -5.73
C GLU A 97 -13.92 -19.65 -5.09
N ALA A 98 -12.85 -19.41 -5.84
CA ALA A 98 -11.53 -19.59 -5.26
C ALA A 98 -11.32 -18.65 -4.09
N TYR A 99 -11.74 -17.39 -4.24
CA TYR A 99 -11.61 -16.42 -3.17
C TYR A 99 -12.34 -16.89 -1.92
N LEU A 100 -13.59 -17.32 -2.08
CA LEU A 100 -14.38 -17.74 -0.93
C LEU A 100 -13.77 -18.98 -0.26
N VAL A 101 -13.25 -19.92 -1.06
CA VAL A 101 -12.64 -21.11 -0.47
C VAL A 101 -11.42 -20.75 0.35
N ALA A 102 -10.56 -19.88 -0.18
CA ALA A 102 -9.37 -19.46 0.57
C ALA A 102 -9.77 -18.72 1.85
N LEU A 103 -10.77 -17.83 1.75
CA LEU A 103 -11.22 -17.13 2.95
C LEU A 103 -11.75 -18.09 3.99
N PHE A 104 -12.49 -19.12 3.56
CA PHE A 104 -13.00 -20.09 4.52
C PHE A 104 -11.88 -20.92 5.13
N GLU A 105 -10.81 -21.20 4.37
CA GLU A 105 -9.66 -21.87 4.97
C GLU A 105 -9.07 -21.04 6.09
N ASP A 106 -8.89 -19.74 5.85
CA ASP A 106 -8.38 -18.85 6.89
C ASP A 106 -9.36 -18.79 8.07
N THR A 107 -10.66 -18.75 7.78
CA THR A 107 -11.67 -18.70 8.84
C THR A 107 -11.58 -19.94 9.72
N ASN A 108 -11.41 -21.10 9.11
CA ASN A 108 -11.24 -22.32 9.88
C ASN A 108 -10.00 -22.24 10.75
N LEU A 109 -8.90 -21.73 10.21
CA LEU A 109 -7.70 -21.58 11.02
C LEU A 109 -7.97 -20.70 12.24
N CYS A 110 -8.63 -19.56 12.03
CA CYS A 110 -8.91 -18.66 13.14
C CYS A 110 -9.81 -19.31 14.18
N ALA A 111 -10.87 -19.99 13.73
CA ALA A 111 -11.73 -20.68 14.67
C ALA A 111 -10.95 -21.68 15.51
N ILE A 112 -10.05 -22.43 14.87
CA ILE A 112 -9.25 -23.40 15.62
C ILE A 112 -8.37 -22.68 16.63
N HIS A 113 -7.75 -21.59 16.22
CA HIS A 113 -6.96 -20.80 17.15
C HIS A 113 -7.79 -20.38 18.35
N ALA A 114 -9.08 -20.13 18.15
CA ALA A 114 -9.96 -19.75 19.24
C ALA A 114 -10.39 -20.91 20.09
N LYS A 115 -9.90 -22.11 19.78
CA LYS A 115 -10.18 -23.35 20.51
C LYS A 115 -11.53 -23.94 20.14
N ARG A 116 -12.22 -23.39 19.14
CA ARG A 116 -13.49 -23.92 18.69
C ARG A 116 -13.30 -24.82 17.48
N VAL A 117 -14.42 -25.38 17.02
CA VAL A 117 -14.48 -26.12 15.77
C VAL A 117 -15.48 -25.51 14.80
N THR A 118 -16.25 -24.51 15.22
CA THR A 118 -17.25 -23.86 14.38
C THR A 118 -16.72 -22.51 13.91
N ILE A 119 -17.01 -22.16 12.67
CA ILE A 119 -16.67 -20.85 12.15
C ILE A 119 -17.82 -19.89 12.40
N MET A 120 -17.50 -18.73 12.95
CA MET A 120 -18.46 -17.71 13.31
C MET A 120 -18.07 -16.41 12.63
N PRO A 121 -19.01 -15.47 12.47
CA PRO A 121 -18.71 -14.27 11.69
C PRO A 121 -17.52 -13.50 12.22
N LYS A 122 -17.28 -13.57 13.52
CA LYS A 122 -16.06 -12.97 14.07
C LYS A 122 -14.83 -13.55 13.38
N ASP A 123 -14.87 -14.83 13.02
CA ASP A 123 -13.71 -15.44 12.37
C ASP A 123 -13.49 -14.87 10.97
N ILE A 124 -14.55 -14.76 10.17
CA ILE A 124 -14.41 -14.15 8.85
C ILE A 124 -13.90 -12.73 8.99
N GLN A 125 -14.44 -12.00 9.96
CA GLN A 125 -14.02 -10.62 10.16
C GLN A 125 -12.54 -10.54 10.50
N LEU A 126 -12.05 -11.42 11.38
CA LEU A 126 -10.63 -11.40 11.71
C LEU A 126 -9.78 -11.72 10.50
N ALA A 127 -10.18 -12.74 9.73
CA ALA A 127 -9.40 -13.12 8.57
C ALA A 127 -9.30 -11.96 7.60
N ARG A 128 -10.43 -11.31 7.32
CA ARG A 128 -10.43 -10.22 6.35
C ARG A 128 -9.67 -9.01 6.87
N ARG A 129 -9.78 -8.72 8.17
CA ARG A 129 -9.04 -7.61 8.75
C ARG A 129 -7.54 -7.82 8.62
N ILE A 130 -7.07 -9.03 8.92
CA ILE A 130 -5.63 -9.28 8.82
C ILE A 130 -5.18 -9.27 7.37
N ARG A 131 -5.99 -9.82 6.47
CA ARG A 131 -5.56 -9.88 5.07
C ARG A 131 -5.58 -8.53 4.39
N GLY A 132 -6.28 -7.55 4.94
CA GLY A 132 -6.25 -6.21 4.43
C GLY A 132 -7.47 -5.80 3.61
N GLU A 133 -8.66 -6.24 3.98
CA GLU A 133 -9.86 -5.84 3.28
C GLU A 133 -11.00 -5.57 4.24
N ASN B 26 -30.75 -12.45 -7.57
CA ASN B 26 -30.06 -11.59 -6.58
C ASN B 26 -29.26 -12.44 -5.60
N ILE B 27 -28.81 -11.84 -4.50
CA ILE B 27 -27.89 -12.51 -3.60
C ILE B 27 -28.51 -13.76 -3.02
N GLN B 28 -29.81 -13.73 -2.71
CA GLN B 28 -30.45 -14.88 -2.10
C GLN B 28 -30.39 -16.12 -2.97
N GLY B 29 -30.11 -15.98 -4.26
CA GLY B 29 -29.87 -17.13 -5.11
C GLY B 29 -28.60 -17.89 -4.78
N ILE B 30 -27.72 -17.29 -3.95
CA ILE B 30 -26.52 -17.99 -3.46
C ILE B 30 -26.94 -18.63 -2.15
N THR B 31 -27.38 -19.89 -2.24
CA THR B 31 -28.12 -20.53 -1.17
C THR B 31 -27.20 -20.98 -0.05
N LYS B 32 -27.81 -21.34 1.07
CA LYS B 32 -27.08 -21.90 2.21
C LYS B 32 -26.27 -23.13 1.83
N PRO B 33 -26.83 -24.13 1.15
CA PRO B 33 -26.01 -25.27 0.76
C PRO B 33 -24.81 -24.88 -0.08
N ALA B 34 -24.92 -23.85 -0.91
CA ALA B 34 -23.76 -23.43 -1.70
C ALA B 34 -22.63 -22.98 -0.80
N ILE B 35 -22.94 -22.18 0.22
CA ILE B 35 -21.91 -21.73 1.15
C ILE B 35 -21.34 -22.92 1.91
N ARG B 36 -22.20 -23.86 2.31
CA ARG B 36 -21.70 -25.05 2.99
C ARG B 36 -20.74 -25.82 2.11
N ARG B 37 -21.05 -25.93 0.82
CA ARG B 37 -20.19 -26.66 -0.10
C ARG B 37 -18.85 -25.96 -0.26
N LEU B 38 -18.88 -24.64 -0.44
CA LEU B 38 -17.64 -23.89 -0.54
C LEU B 38 -16.79 -24.06 0.71
N ALA B 39 -17.42 -23.99 1.88
CA ALA B 39 -16.68 -24.12 3.12
C ALA B 39 -16.15 -25.54 3.32
N ARG B 40 -16.90 -26.55 2.88
CA ARG B 40 -16.40 -27.91 2.95
C ARG B 40 -15.16 -28.07 2.10
N ARG B 41 -15.16 -27.49 0.89
CA ARG B 41 -13.91 -27.45 0.14
C ARG B 41 -12.85 -26.68 0.92
N GLY B 42 -13.28 -25.71 1.73
CA GLY B 42 -12.36 -25.03 2.63
C GLY B 42 -11.82 -25.93 3.73
N GLY B 43 -12.68 -26.72 4.38
CA GLY B 43 -12.26 -27.62 5.43
C GLY B 43 -12.98 -27.48 6.75
N VAL B 44 -14.08 -26.75 6.81
CA VAL B 44 -14.78 -26.55 8.07
C VAL B 44 -15.70 -27.74 8.34
N LYS B 45 -15.80 -28.13 9.61
CA LYS B 45 -16.62 -29.26 10.01
C LYS B 45 -18.06 -28.85 10.28
N ARG B 46 -18.25 -27.80 11.08
CA ARG B 46 -19.59 -27.28 11.35
C ARG B 46 -19.56 -25.77 11.23
N ILE B 47 -20.72 -25.21 10.89
CA ILE B 47 -20.83 -23.84 10.41
C ILE B 47 -21.81 -23.08 11.29
N SER B 48 -21.40 -21.91 11.77
CA SER B 48 -22.31 -21.06 12.51
C SER B 48 -23.47 -20.65 11.63
N GLY B 49 -24.65 -20.50 12.23
CA GLY B 49 -25.82 -20.14 11.46
C GLY B 49 -25.74 -18.78 10.80
N LEU B 50 -24.79 -17.94 11.23
CA LEU B 50 -24.70 -16.59 10.72
C LEU B 50 -23.61 -16.40 9.67
N ILE B 51 -22.83 -17.43 9.36
CA ILE B 51 -21.81 -17.28 8.32
C ILE B 51 -22.44 -16.95 6.98
N TYR B 52 -23.68 -17.38 6.78
CA TYR B 52 -24.29 -17.29 5.46
C TYR B 52 -24.44 -15.82 5.02
N GLU B 53 -25.01 -14.99 5.89
CA GLU B 53 -25.18 -13.59 5.55
C GLU B 53 -23.84 -12.88 5.40
N GLU B 54 -22.89 -13.18 6.28
CA GLU B 54 -21.57 -12.57 6.18
C GLU B 54 -20.90 -12.97 4.87
N THR B 55 -21.02 -14.24 4.49
CA THR B 55 -20.45 -14.68 3.22
C THR B 55 -21.10 -13.99 2.05
N ARG B 56 -22.43 -13.82 2.09
CA ARG B 56 -23.11 -13.10 1.03
C ARG B 56 -22.59 -11.67 0.91
N GLY B 57 -22.43 -10.99 2.04
CA GLY B 57 -21.89 -9.64 1.99
C GLY B 57 -20.48 -9.59 1.44
N VAL B 58 -19.62 -10.51 1.90
CA VAL B 58 -18.23 -10.52 1.46
C VAL B 58 -18.15 -10.76 -0.04
N LEU B 59 -18.92 -11.73 -0.53
CA LEU B 59 -18.91 -12.03 -1.96
C LEU B 59 -19.46 -10.86 -2.77
N LYS B 60 -20.49 -10.19 -2.25
CA LYS B 60 -21.03 -9.05 -2.97
C LYS B 60 -19.98 -7.96 -3.10
N VAL B 61 -19.24 -7.71 -2.03
CA VAL B 61 -18.18 -6.69 -2.08
C VAL B 61 -17.12 -7.09 -3.09
N PHE B 62 -16.68 -8.35 -3.04
CA PHE B 62 -15.65 -8.82 -3.96
C PHE B 62 -16.11 -8.65 -5.42
N LEU B 63 -17.33 -9.08 -5.69
CA LEU B 63 -17.88 -8.97 -7.04
C LEU B 63 -17.98 -7.53 -7.48
N GLU B 64 -18.44 -6.65 -6.60
CA GLU B 64 -18.55 -5.24 -6.97
C GLU B 64 -17.19 -4.68 -7.33
N ASN B 65 -16.18 -4.98 -6.50
CA ASN B 65 -14.85 -4.45 -6.74
C ASN B 65 -14.30 -4.91 -8.08
N VAL B 66 -14.46 -6.19 -8.40
CA VAL B 66 -13.92 -6.71 -9.66
C VAL B 66 -14.71 -6.18 -10.84
N ILE B 67 -16.04 -6.16 -10.73
CA ILE B 67 -16.89 -5.78 -11.83
C ILE B 67 -16.71 -4.31 -12.17
N ARG B 68 -16.38 -3.47 -11.18
CA ARG B 68 -16.09 -2.08 -11.50
C ARG B 68 -14.97 -1.97 -12.51
N ASP B 69 -13.84 -2.65 -12.24
CA ASP B 69 -12.70 -2.56 -13.15
C ASP B 69 -13.00 -3.24 -14.48
N ALA B 70 -13.77 -4.32 -14.45
CA ALA B 70 -14.17 -4.95 -15.70
C ALA B 70 -14.95 -3.96 -16.58
N VAL B 71 -15.93 -3.27 -15.98
CA VAL B 71 -16.73 -2.34 -16.76
C VAL B 71 -15.90 -1.13 -17.17
N THR B 72 -14.92 -0.75 -16.36
CA THR B 72 -14.04 0.35 -16.74
C THR B 72 -13.25 -0.01 -17.99
N TYR B 73 -12.65 -1.20 -18.02
CA TYR B 73 -11.94 -1.64 -19.20
C TYR B 73 -12.88 -1.72 -20.40
N THR B 74 -14.08 -2.27 -20.20
CA THR B 74 -15.03 -2.38 -21.30
C THR B 74 -15.40 -1.01 -21.85
N GLU B 75 -15.69 -0.05 -20.97
CA GLU B 75 -15.99 1.30 -21.42
C GLU B 75 -14.82 1.89 -22.19
N HIS B 76 -13.60 1.66 -21.71
CA HIS B 76 -12.44 2.21 -22.41
C HIS B 76 -12.35 1.66 -23.82
N ALA B 77 -12.62 0.37 -23.99
CA ALA B 77 -12.47 -0.24 -25.30
C ALA B 77 -13.57 0.15 -26.28
N LYS B 78 -14.40 1.14 -25.95
CA LYS B 78 -15.53 1.53 -26.79
C LYS B 78 -16.50 0.39 -26.98
N ARG B 79 -16.46 -0.61 -26.11
CA ARG B 79 -17.30 -1.78 -26.23
C ARG B 79 -18.57 -1.62 -25.42
N LYS B 80 -19.53 -2.51 -25.69
CA LYS B 80 -20.73 -2.63 -24.89
C LYS B 80 -20.97 -4.05 -24.41
N THR B 81 -20.00 -4.94 -24.58
CA THR B 81 -20.05 -6.30 -24.10
C THR B 81 -18.88 -6.53 -23.17
N VAL B 82 -19.11 -7.19 -22.05
CA VAL B 82 -18.03 -7.53 -21.13
C VAL B 82 -17.36 -8.81 -21.60
N THR B 83 -16.06 -8.76 -21.80
CA THR B 83 -15.31 -9.89 -22.33
C THR B 83 -14.43 -10.50 -21.25
N ALA B 84 -14.09 -11.78 -21.44
CA ALA B 84 -13.32 -12.51 -20.44
C ALA B 84 -11.99 -11.83 -20.17
N MET B 85 -11.40 -11.20 -21.18
CA MET B 85 -10.14 -10.52 -20.96
C MET B 85 -10.29 -9.34 -20.01
N ASP B 86 -11.46 -8.69 -20.02
CA ASP B 86 -11.70 -7.62 -19.07
C ASP B 86 -11.67 -8.15 -17.64
N VAL B 87 -12.30 -9.30 -17.40
CA VAL B 87 -12.27 -9.89 -16.07
C VAL B 87 -10.86 -10.32 -15.70
N VAL B 88 -10.14 -10.90 -16.65
CA VAL B 88 -8.77 -11.32 -16.39
C VAL B 88 -7.92 -10.11 -16.02
N TYR B 89 -8.10 -9.01 -16.74
CA TYR B 89 -7.33 -7.80 -16.43
C TYR B 89 -7.69 -7.25 -15.06
N ALA B 90 -8.97 -7.23 -14.71
CA ALA B 90 -9.36 -6.78 -13.39
C ALA B 90 -8.71 -7.63 -12.31
N LEU B 91 -8.77 -8.96 -12.47
CA LEU B 91 -8.19 -9.85 -11.48
C LEU B 91 -6.68 -9.67 -11.39
N LYS B 92 -5.99 -9.64 -12.53
CA LYS B 92 -4.55 -9.42 -12.53
C LYS B 92 -4.21 -8.11 -11.83
N ARG B 93 -5.04 -7.09 -12.05
CA ARG B 93 -4.85 -5.83 -11.35
C ARG B 93 -4.91 -6.01 -9.84
N GLN B 94 -5.93 -6.69 -9.35
CA GLN B 94 -6.11 -6.82 -7.91
C GLN B 94 -5.21 -7.88 -7.30
N GLY B 95 -4.19 -8.35 -8.00
CA GLY B 95 -3.31 -9.36 -7.46
C GLY B 95 -3.96 -10.72 -7.33
N ARG B 96 -4.93 -11.02 -8.17
CA ARG B 96 -5.65 -12.29 -8.15
C ARG B 96 -5.62 -12.94 -9.51
N THR B 97 -4.45 -12.95 -10.15
CA THR B 97 -4.27 -13.47 -11.50
C THR B 97 -5.01 -14.78 -11.68
N LEU B 98 -5.80 -14.86 -12.76
CA LEU B 98 -6.60 -16.02 -13.08
C LEU B 98 -6.13 -16.60 -14.40
N TYR B 99 -5.58 -17.80 -14.37
CA TYR B 99 -5.19 -18.50 -15.59
C TYR B 99 -6.36 -19.31 -16.12
N GLY B 100 -6.41 -19.47 -17.44
CA GLY B 100 -7.31 -20.40 -18.06
C GLY B 100 -8.43 -19.81 -18.89
N PHE B 101 -8.49 -18.49 -19.03
CA PHE B 101 -9.56 -17.85 -19.78
C PHE B 101 -9.03 -16.90 -20.84
N GLY B 102 -7.88 -17.22 -21.43
CA GLY B 102 -7.34 -16.44 -22.52
C GLY B 102 -6.42 -15.31 -22.12
N GLY B 103 -6.20 -15.11 -20.83
CA GLY B 103 -5.28 -14.07 -20.37
C GLY B 103 -3.90 -14.23 -20.99
N ALA C 14 7.51 36.75 -27.28
CA ALA C 14 7.08 36.24 -25.94
C ALA C 14 6.66 34.78 -26.03
N SER C 15 6.79 34.05 -24.92
CA SER C 15 6.43 32.65 -24.86
C SER C 15 5.59 32.41 -23.61
N GLN C 16 4.73 31.40 -23.68
CA GLN C 16 3.83 31.04 -22.58
C GLN C 16 4.02 29.58 -22.25
N SER C 17 4.25 29.28 -20.97
CA SER C 17 4.38 27.90 -20.54
C SER C 17 3.05 27.18 -20.64
N ARG C 18 3.11 25.88 -20.90
CA ARG C 18 1.90 25.09 -21.03
C ARG C 18 1.10 25.09 -19.73
N SER C 19 1.79 24.96 -18.60
CA SER C 19 1.09 24.98 -17.32
C SER C 19 0.30 26.26 -17.16
N ALA C 20 0.83 27.38 -17.65
CA ALA C 20 0.10 28.64 -17.58
C ALA C 20 -1.15 28.59 -18.45
N LYS C 21 -1.08 27.98 -19.62
CA LYS C 21 -2.25 27.88 -20.48
C LYS C 21 -3.35 27.05 -19.82
N ALA C 22 -2.96 25.93 -19.22
CA ALA C 22 -3.95 25.05 -18.58
C ALA C 22 -4.35 25.54 -17.21
N GLY C 23 -3.63 26.48 -16.63
CA GLY C 23 -3.93 26.96 -15.30
C GLY C 23 -3.48 25.96 -14.26
N LEU C 24 -2.20 25.58 -14.32
CA LEU C 24 -1.64 24.59 -13.43
C LEU C 24 -0.33 25.11 -12.86
N THR C 25 0.07 24.53 -11.74
CA THR C 25 1.36 24.86 -11.13
C THR C 25 2.41 23.79 -11.37
N PHE C 26 2.00 22.56 -11.65
CA PHE C 26 2.97 21.53 -11.97
C PHE C 26 3.42 21.67 -13.43
N PRO C 27 4.66 21.28 -13.73
CA PRO C 27 5.23 21.56 -15.06
C PRO C 27 4.73 20.55 -16.09
N VAL C 28 3.99 21.04 -17.06
CA VAL C 28 3.51 20.16 -18.13
C VAL C 28 4.68 19.61 -18.93
N GLY C 29 5.68 20.45 -19.18
CA GLY C 29 6.80 20.02 -20.00
C GLY C 29 7.57 18.87 -19.40
N ARG C 30 7.86 18.94 -18.10
CA ARG C 30 8.60 17.87 -17.46
C ARG C 30 7.81 16.56 -17.47
N VAL C 31 6.51 16.64 -17.19
CA VAL C 31 5.69 15.44 -17.20
C VAL C 31 5.66 14.84 -18.60
N HIS C 32 5.57 15.69 -19.62
CA HIS C 32 5.52 15.20 -20.99
C HIS C 32 6.85 14.55 -21.40
N ARG C 33 7.96 15.14 -20.97
CA ARG C 33 9.26 14.53 -21.21
C ARG C 33 9.36 13.17 -20.55
N LEU C 34 8.90 13.07 -19.30
CA LEU C 34 8.95 11.80 -18.60
C LEU C 34 8.02 10.79 -19.24
N LEU C 35 6.93 11.24 -19.85
CA LEU C 35 6.02 10.33 -20.51
C LEU C 35 6.64 9.73 -21.77
N ARG C 36 7.23 10.55 -22.63
CA ARG C 36 7.88 9.94 -23.79
C ARG C 36 9.11 9.14 -23.41
N ARG C 37 9.97 9.69 -22.56
CA ARG C 37 11.25 9.07 -22.28
C ARG C 37 11.12 7.82 -21.42
N GLY C 38 9.97 7.60 -20.80
CA GLY C 38 9.84 6.51 -19.86
C GLY C 38 9.48 5.18 -20.43
N ASN C 39 9.38 5.07 -21.76
CA ASN C 39 9.03 3.81 -22.40
C ASN C 39 7.67 3.30 -21.92
N TYR C 40 6.64 4.12 -22.13
CA TYR C 40 5.27 3.70 -21.87
C TYR C 40 4.52 3.36 -23.14
N ALA C 41 4.83 4.05 -24.24
CA ALA C 41 4.20 3.78 -25.52
C ALA C 41 5.05 4.40 -26.61
N GLN C 42 4.73 4.05 -27.85
CA GLN C 42 5.50 4.58 -28.98
C GLN C 42 5.17 6.03 -29.25
N ARG C 43 3.96 6.47 -28.94
CA ARG C 43 3.56 7.85 -29.16
C ARG C 43 2.78 8.35 -27.95
N ILE C 44 2.94 9.64 -27.66
CA ILE C 44 2.28 10.28 -26.52
C ILE C 44 1.41 11.41 -27.04
N GLY C 45 0.15 11.43 -26.64
CA GLY C 45 -0.78 12.40 -27.16
C GLY C 45 -0.59 13.77 -26.55
N SER C 46 -1.17 14.77 -27.20
CA SER C 46 -1.05 16.14 -26.70
C SER C 46 -1.71 16.29 -25.36
N GLY C 47 -2.89 15.72 -25.18
CA GLY C 47 -3.67 15.92 -23.99
C GLY C 47 -3.33 15.02 -22.82
N ALA C 48 -2.48 14.01 -23.01
CA ALA C 48 -2.06 13.17 -21.90
C ALA C 48 -1.32 13.95 -20.82
N PRO C 49 -0.28 14.72 -21.13
CA PRO C 49 0.43 15.43 -20.07
C PRO C 49 -0.45 16.36 -19.27
N VAL C 50 -1.41 17.03 -19.89
CA VAL C 50 -2.23 17.98 -19.15
C VAL C 50 -3.13 17.26 -18.17
N TYR C 51 -3.78 16.19 -18.61
CA TYR C 51 -4.66 15.45 -17.72
C TYR C 51 -3.85 14.87 -16.55
N LEU C 52 -2.70 14.29 -16.87
CA LEU C 52 -1.88 13.68 -15.84
C LEU C 52 -1.40 14.71 -14.84
N THR C 53 -0.97 15.87 -15.32
CA THR C 53 -0.43 16.89 -14.42
C THR C 53 -1.52 17.47 -13.55
N ALA C 54 -2.72 17.68 -14.10
CA ALA C 54 -3.81 18.14 -13.27
C ALA C 54 -4.13 17.14 -12.18
N VAL C 55 -4.13 15.85 -12.50
CA VAL C 55 -4.42 14.83 -11.49
C VAL C 55 -3.38 14.85 -10.39
N LEU C 56 -2.09 14.86 -10.77
CA LEU C 56 -1.03 14.88 -9.77
C LEU C 56 -1.13 16.13 -8.90
N GLU C 57 -1.40 17.27 -9.51
CA GLU C 57 -1.52 18.51 -8.74
C GLU C 57 -2.65 18.41 -7.74
N TYR C 58 -3.80 17.87 -8.16
CA TYR C 58 -4.93 17.75 -7.24
C TYR C 58 -4.58 16.86 -6.07
N LEU C 59 -3.93 15.73 -6.34
CA LEU C 59 -3.60 14.82 -5.23
C LEU C 59 -2.62 15.48 -4.26
N ALA C 60 -1.60 16.16 -4.79
CA ALA C 60 -0.66 16.85 -3.91
C ALA C 60 -1.37 17.91 -3.08
N ALA C 61 -2.29 18.65 -3.69
CA ALA C 61 -3.02 19.68 -2.96
C ALA C 61 -3.85 19.06 -1.85
N GLU C 62 -4.49 17.92 -2.11
CA GLU C 62 -5.29 17.26 -1.08
C GLU C 62 -4.42 16.81 0.09
N ILE C 63 -3.28 16.16 -0.22
CA ILE C 63 -2.35 15.78 0.83
C ILE C 63 -1.96 16.99 1.66
N LEU C 64 -1.65 18.10 1.00
CA LEU C 64 -1.18 19.28 1.71
C LEU C 64 -2.28 19.88 2.59
N GLU C 65 -3.52 19.92 2.12
CA GLU C 65 -4.58 20.46 2.94
C GLU C 65 -4.83 19.61 4.17
N LEU C 66 -4.92 18.28 3.98
CA LEU C 66 -5.15 17.41 5.12
C LEU C 66 -4.00 17.47 6.11
N ALA C 67 -2.76 17.51 5.61
CA ALA C 67 -1.60 17.60 6.50
C ALA C 67 -1.56 18.93 7.23
N GLY C 68 -1.95 20.02 6.57
CA GLY C 68 -2.02 21.30 7.26
C GLY C 68 -3.03 21.28 8.38
N ASN C 69 -4.20 20.68 8.12
CA ASN C 69 -5.18 20.53 9.17
C ASN C 69 -4.62 19.69 10.32
N ALA C 70 -3.93 18.61 9.99
CA ALA C 70 -3.36 17.74 11.02
C ALA C 70 -2.34 18.48 11.88
N ALA C 71 -1.49 19.30 11.25
CA ALA C 71 -0.55 20.11 12.01
C ALA C 71 -1.24 21.20 12.80
N ARG C 72 -2.37 21.69 12.32
CA ARG C 72 -3.13 22.70 13.04
C ARG C 72 -3.83 22.12 14.25
N ASP C 73 -4.19 20.84 14.22
CA ASP C 73 -4.62 20.18 15.45
C ASP C 73 -3.57 20.34 16.53
N ASN C 74 -2.30 20.23 16.17
CA ASN C 74 -1.21 20.63 17.03
C ASN C 74 -0.91 22.11 16.79
N LYS C 75 0.08 22.63 17.50
CA LYS C 75 0.47 24.02 17.36
C LYS C 75 1.62 24.22 16.39
N LYS C 76 2.06 23.17 15.73
CA LYS C 76 3.25 23.26 14.90
C LYS C 76 3.00 24.17 13.70
N THR C 77 4.06 24.85 13.27
CA THR C 77 4.02 25.76 12.15
C THR C 77 4.43 25.10 10.84
N ARG C 78 4.94 23.86 10.90
CA ARG C 78 5.41 23.14 9.72
C ARG C 78 4.73 21.79 9.66
N ILE C 79 4.81 21.17 8.50
CA ILE C 79 4.40 19.77 8.36
C ILE C 79 5.64 18.90 8.55
N ILE C 80 5.60 18.03 9.54
CA ILE C 80 6.65 17.04 9.72
C ILE C 80 6.05 15.67 9.39
N PRO C 81 6.87 14.69 9.04
CA PRO C 81 6.32 13.38 8.62
C PRO C 81 5.19 12.87 9.48
N ARG C 82 5.14 13.25 10.75
CA ARG C 82 4.04 12.84 11.61
C ARG C 82 2.71 13.31 11.05
N HIS C 83 2.64 14.57 10.62
CA HIS C 83 1.38 15.11 10.16
C HIS C 83 1.00 14.54 8.81
N LEU C 84 1.97 14.26 7.95
CA LEU C 84 1.66 13.55 6.71
C LEU C 84 1.07 12.18 7.03
N GLN C 85 1.67 11.48 7.99
CA GLN C 85 1.11 10.20 8.40
C GLN C 85 -0.34 10.36 8.86
N LEU C 86 -0.58 11.32 9.76
CA LEU C 86 -1.93 11.46 10.29
C LEU C 86 -2.92 11.79 9.20
N ALA C 87 -2.54 12.70 8.29
CA ALA C 87 -3.43 13.05 7.19
C ALA C 87 -3.74 11.83 6.33
N ILE C 88 -2.74 11.00 6.05
CA ILE C 88 -2.96 9.87 5.16
C ILE C 88 -3.86 8.83 5.85
N ARG C 89 -3.60 8.55 7.13
CA ARG C 89 -4.35 7.47 7.78
C ARG C 89 -5.77 7.90 8.13
N ASN C 90 -5.96 9.15 8.54
CA ASN C 90 -7.28 9.55 9.02
C ASN C 90 -8.34 9.44 7.92
N ASP C 91 -7.99 9.86 6.70
CA ASP C 91 -8.94 9.92 5.61
C ASP C 91 -9.00 8.57 4.91
N ASP C 92 -10.20 8.02 4.77
CA ASP C 92 -10.36 6.70 4.17
C ASP C 92 -9.81 6.68 2.75
N GLU C 93 -9.97 7.79 2.02
CA GLU C 93 -9.54 7.85 0.64
C GLU C 93 -8.05 7.58 0.52
N LEU C 94 -7.23 8.48 1.08
CA LEU C 94 -5.79 8.33 1.01
C LEU C 94 -5.33 7.04 1.66
N ASN C 95 -6.01 6.60 2.72
CA ASN C 95 -5.62 5.35 3.37
C ASN C 95 -5.76 4.18 2.42
N LYS C 96 -6.88 4.10 1.69
CA LYS C 96 -7.03 3.03 0.71
C LYS C 96 -6.01 3.18 -0.41
N LEU C 97 -5.78 4.40 -0.86
CA LEU C 97 -4.84 4.61 -1.97
C LEU C 97 -3.42 4.26 -1.55
N LEU C 98 -3.05 4.59 -0.32
CA LEU C 98 -1.70 4.36 0.20
C LEU C 98 -1.69 3.25 1.25
N GLY C 99 -2.44 2.17 1.01
CA GLY C 99 -2.54 1.09 1.98
C GLY C 99 -1.25 0.37 2.25
N ASN C 100 -0.30 0.41 1.30
CA ASN C 100 0.97 -0.29 1.45
C ASN C 100 2.15 0.66 1.51
N VAL C 101 1.93 1.92 1.84
CA VAL C 101 2.98 2.94 1.85
C VAL C 101 3.43 3.17 3.28
N THR C 102 4.73 3.08 3.50
CA THR C 102 5.33 3.34 4.80
C THR C 102 5.99 4.71 4.76
N ILE C 103 5.60 5.57 5.70
CA ILE C 103 6.13 6.92 5.79
C ILE C 103 7.16 6.93 6.90
N ALA C 104 8.42 7.22 6.55
CA ALA C 104 9.47 7.28 7.55
C ALA C 104 9.13 8.32 8.61
N GLN C 105 9.36 7.97 9.88
CA GLN C 105 9.12 8.84 11.01
C GLN C 105 7.65 9.21 11.17
N GLY C 106 6.75 8.42 10.57
CA GLY C 106 5.34 8.71 10.71
C GLY C 106 4.69 8.02 11.89
N GLY C 107 5.27 6.93 12.36
CA GLY C 107 4.68 6.24 13.49
C GLY C 107 3.31 5.71 13.16
N VAL C 108 2.44 5.70 14.18
CA VAL C 108 1.09 5.19 14.06
C VAL C 108 0.13 6.17 14.73
N LEU C 109 -1.15 6.03 14.41
CA LEU C 109 -2.17 6.85 15.02
C LEU C 109 -2.37 6.44 16.48
N PRO C 110 -2.94 7.33 17.30
CA PRO C 110 -3.19 7.03 18.72
C PRO C 110 -3.96 5.74 18.92
N ARG D 36 22.59 17.92 -11.48
CA ARG D 36 21.40 18.72 -11.08
C ARG D 36 20.18 17.84 -10.91
N LYS D 37 19.69 17.75 -9.68
CA LYS D 37 18.53 16.92 -9.37
C LYS D 37 17.26 17.55 -9.90
N GLU D 38 16.29 16.72 -10.23
CA GLU D 38 14.96 17.14 -10.62
C GLU D 38 13.97 16.74 -9.53
N THR D 39 13.16 17.69 -9.09
CA THR D 39 12.22 17.46 -8.02
C THR D 39 10.99 18.33 -8.25
N TYR D 40 9.96 18.10 -7.46
CA TYR D 40 8.76 18.91 -7.50
C TYR D 40 8.74 19.96 -6.40
N SER D 41 9.86 20.13 -5.69
CA SER D 41 9.85 20.95 -4.48
C SER D 41 9.23 22.32 -4.72
N SER D 42 9.64 23.00 -5.78
CA SER D 42 9.11 24.33 -6.04
C SER D 42 7.59 24.28 -6.20
N TYR D 43 7.10 23.24 -6.85
CA TYR D 43 5.68 23.13 -7.10
C TYR D 43 4.90 22.80 -5.83
N ILE D 44 5.45 21.97 -4.94
CA ILE D 44 4.78 21.78 -3.66
C ILE D 44 4.80 23.05 -2.82
N TYR D 45 5.88 23.82 -2.87
CA TYR D 45 5.86 25.13 -2.21
C TYR D 45 4.71 25.97 -2.72
N LYS D 46 4.61 26.11 -4.05
CA LYS D 46 3.59 26.99 -4.63
C LYS D 46 2.19 26.48 -4.29
N VAL D 47 1.97 25.17 -4.36
CA VAL D 47 0.65 24.62 -4.06
C VAL D 47 0.32 24.77 -2.58
N LEU D 48 1.33 24.63 -1.71
CA LEU D 48 1.08 24.71 -0.28
C LEU D 48 0.73 26.12 0.13
N LYS D 49 1.49 27.11 -0.36
CA LYS D 49 1.23 28.48 0.04
C LYS D 49 -0.17 28.92 -0.36
N GLN D 50 -0.75 28.28 -1.37
CA GLN D 50 -2.07 28.70 -1.82
C GLN D 50 -3.11 28.53 -0.73
N THR D 51 -3.09 27.39 -0.03
CA THR D 51 -4.10 27.11 0.98
C THR D 51 -3.68 27.55 2.38
N HIS D 52 -2.39 27.45 2.70
CA HIS D 52 -1.87 27.90 3.98
C HIS D 52 -0.62 28.72 3.73
N PRO D 53 -0.77 30.01 3.44
CA PRO D 53 0.43 30.82 3.13
C PRO D 53 1.46 30.81 4.24
N ASP D 54 1.04 30.81 5.49
CA ASP D 54 1.98 30.94 6.61
C ASP D 54 2.62 29.61 7.00
N THR D 55 2.08 28.47 6.57
CA THR D 55 2.59 27.18 6.97
C THR D 55 3.85 26.83 6.17
N GLY D 56 4.77 26.12 6.84
CA GLY D 56 6.01 25.69 6.22
C GLY D 56 6.06 24.18 6.04
N ILE D 57 7.12 23.74 5.35
CA ILE D 57 7.32 22.33 5.04
C ILE D 57 8.75 21.95 5.42
N SER D 58 8.89 20.84 6.15
CA SER D 58 10.20 20.34 6.51
C SER D 58 10.82 19.61 5.33
N GLN D 59 12.15 19.47 5.38
CA GLN D 59 12.86 18.84 4.28
C GLN D 59 12.37 17.41 4.06
N LYS D 60 12.28 16.62 5.13
CA LYS D 60 11.86 15.23 4.96
C LYS D 60 10.43 15.15 4.47
N SER D 61 9.59 16.08 4.91
CA SER D 61 8.21 16.13 4.42
C SER D 61 8.19 16.37 2.91
N MET D 62 9.04 17.28 2.43
CA MET D 62 9.14 17.51 0.99
C MET D 62 9.60 16.27 0.27
N SER D 63 10.56 15.54 0.84
CA SER D 63 11.01 14.30 0.23
C SER D 63 9.86 13.31 0.10
N ILE D 64 9.08 13.16 1.17
CA ILE D 64 7.96 12.21 1.14
C ILE D 64 6.94 12.63 0.10
N LEU D 65 6.65 13.93 0.01
CA LEU D 65 5.68 14.40 -0.97
C LEU D 65 6.17 14.16 -2.39
N ASN D 66 7.46 14.39 -2.64
CA ASN D 66 8.03 14.11 -3.94
C ASN D 66 7.87 12.64 -4.29
N SER D 67 8.17 11.76 -3.33
CA SER D 67 8.01 10.34 -3.57
C SER D 67 6.57 9.97 -3.87
N PHE D 68 5.63 10.60 -3.18
CA PHE D 68 4.22 10.34 -3.46
C PHE D 68 3.85 10.74 -4.88
N VAL D 69 4.29 11.92 -5.30
CA VAL D 69 3.98 12.39 -6.64
C VAL D 69 4.56 11.44 -7.68
N ASN D 70 5.82 11.06 -7.50
CA ASN D 70 6.44 10.13 -8.45
C ASN D 70 5.74 8.77 -8.46
N ASP D 71 5.34 8.28 -7.29
CA ASP D 71 4.65 7.00 -7.22
C ASP D 71 3.34 7.04 -8.00
N ILE D 72 2.52 8.06 -7.78
CA ILE D 72 1.25 8.10 -8.47
C ILE D 72 1.47 8.29 -9.97
N PHE D 73 2.49 9.06 -10.35
CA PHE D 73 2.83 9.20 -11.75
C PHE D 73 3.11 7.83 -12.36
N GLU D 74 3.96 7.05 -11.70
CA GLU D 74 4.31 5.74 -12.24
C GLU D 74 3.09 4.83 -12.32
N ARG D 75 2.24 4.84 -11.29
CA ARG D 75 1.05 4.01 -11.33
C ARG D 75 0.18 4.35 -12.54
N ILE D 76 -0.14 5.63 -12.71
CA ILE D 76 -1.02 6.03 -13.80
C ILE D 76 -0.37 5.73 -15.14
N ALA D 77 0.93 6.00 -15.26
CA ALA D 77 1.62 5.76 -16.52
C ALA D 77 1.61 4.30 -16.89
N THR D 78 1.85 3.42 -15.91
CA THR D 78 1.83 1.99 -16.19
C THR D 78 0.44 1.53 -16.61
N GLU D 79 -0.59 2.01 -15.92
CA GLU D 79 -1.94 1.61 -16.30
C GLU D 79 -2.29 2.11 -17.69
N ALA D 80 -1.87 3.34 -18.03
CA ALA D 80 -2.12 3.85 -19.37
C ALA D 80 -1.40 3.02 -20.42
N SER D 81 -0.16 2.61 -20.13
CA SER D 81 0.58 1.77 -21.07
C SER D 81 -0.14 0.46 -21.29
N LYS D 82 -0.65 -0.14 -20.21
CA LYS D 82 -1.37 -1.40 -20.36
C LYS D 82 -2.65 -1.20 -21.16
N LEU D 83 -3.38 -0.10 -20.90
CA LEU D 83 -4.60 0.16 -21.65
C LEU D 83 -4.31 0.29 -23.14
N ALA D 84 -3.25 1.01 -23.49
CA ALA D 84 -2.88 1.14 -24.89
C ALA D 84 -2.49 -0.21 -25.48
N ALA D 85 -1.75 -1.01 -24.72
CA ALA D 85 -1.32 -2.31 -25.24
C ALA D 85 -2.50 -3.23 -25.50
N TYR D 86 -3.47 -3.26 -24.58
CA TYR D 86 -4.57 -4.21 -24.71
C TYR D 86 -5.39 -3.94 -25.97
N ASN D 87 -5.60 -2.67 -26.30
CA ASN D 87 -6.37 -2.28 -27.47
C ASN D 87 -5.50 -2.14 -28.70
N LYS D 88 -4.31 -2.73 -28.70
CA LYS D 88 -3.43 -2.69 -29.87
C LYS D 88 -3.16 -1.27 -30.33
N LYS D 89 -3.20 -0.32 -29.40
CA LYS D 89 -3.05 1.09 -29.71
C LYS D 89 -1.63 1.54 -29.39
N SER D 90 -1.15 2.52 -30.14
CA SER D 90 0.23 2.96 -30.03
C SER D 90 0.37 4.29 -29.30
N THR D 91 -0.72 4.97 -28.98
CA THR D 91 -0.69 6.30 -28.42
C THR D 91 -1.32 6.31 -27.03
N ILE D 92 -0.69 7.03 -26.11
CA ILE D 92 -1.27 7.30 -24.81
C ILE D 92 -1.88 8.69 -24.86
N SER D 93 -3.19 8.77 -24.73
CA SER D 93 -3.93 10.00 -24.86
C SER D 93 -4.64 10.33 -23.55
N ALA D 94 -5.49 11.35 -23.58
CA ALA D 94 -6.20 11.76 -22.39
C ALA D 94 -7.14 10.67 -21.90
N ARG D 95 -7.76 9.92 -22.81
CA ARG D 95 -8.65 8.85 -22.38
C ARG D 95 -7.91 7.82 -21.54
N GLU D 96 -6.67 7.53 -21.92
CA GLU D 96 -5.87 6.58 -21.16
C GLU D 96 -5.66 7.06 -19.74
N ILE D 97 -5.27 8.33 -19.57
CA ILE D 97 -5.04 8.85 -18.23
C ILE D 97 -6.34 8.85 -17.44
N GLN D 98 -7.45 9.19 -18.09
CA GLN D 98 -8.72 9.23 -17.38
C GLN D 98 -9.10 7.86 -16.87
N THR D 99 -8.99 6.84 -17.71
CA THR D 99 -9.34 5.49 -17.28
C THR D 99 -8.36 4.99 -16.24
N ALA D 100 -7.08 5.34 -16.37
CA ALA D 100 -6.11 4.95 -15.36
C ALA D 100 -6.45 5.57 -14.01
N VAL D 101 -6.89 6.82 -14.01
CA VAL D 101 -7.31 7.44 -12.75
C VAL D 101 -8.53 6.74 -12.19
N ARG D 102 -9.50 6.43 -13.05
CA ARG D 102 -10.67 5.70 -12.59
C ARG D 102 -10.29 4.37 -11.95
N LEU D 103 -9.20 3.76 -12.44
CA LEU D 103 -8.79 2.47 -11.90
C LEU D 103 -7.88 2.59 -10.68
N ILE D 104 -7.12 3.69 -10.59
CA ILE D 104 -6.06 3.82 -9.58
C ILE D 104 -6.58 4.47 -8.30
N LEU D 105 -7.47 5.45 -8.42
CA LEU D 105 -7.94 6.18 -7.25
C LEU D 105 -9.31 5.68 -6.79
N PRO D 106 -9.66 5.84 -5.53
CA PRO D 106 -11.00 5.43 -5.08
C PRO D 106 -12.06 6.42 -5.54
N GLY D 107 -13.29 6.14 -5.14
CA GLY D 107 -14.45 6.80 -5.73
C GLY D 107 -14.44 8.31 -5.78
N GLU D 108 -14.59 8.97 -4.65
CA GLU D 108 -14.75 10.42 -4.67
C GLU D 108 -13.47 11.10 -5.12
N LEU D 109 -12.33 10.59 -4.67
CA LEU D 109 -11.05 11.16 -5.06
C LEU D 109 -10.84 11.02 -6.57
N ALA D 110 -11.25 9.88 -7.13
CA ALA D 110 -11.19 9.69 -8.57
C ALA D 110 -12.11 10.64 -9.31
N LYS D 111 -13.31 10.85 -8.79
CA LYS D 111 -14.24 11.78 -9.43
C LYS D 111 -13.63 13.18 -9.51
N HIS D 112 -13.07 13.65 -8.40
CA HIS D 112 -12.45 14.96 -8.40
C HIS D 112 -11.26 15.01 -9.35
N ALA D 113 -10.47 13.94 -9.39
CA ALA D 113 -9.33 13.92 -10.32
C ALA D 113 -9.80 14.01 -11.76
N VAL D 114 -10.85 13.28 -12.11
CA VAL D 114 -11.38 13.34 -13.47
C VAL D 114 -11.86 14.74 -13.79
N SER D 115 -12.56 15.36 -12.85
CA SER D 115 -13.03 16.72 -13.08
C SER D 115 -11.87 17.65 -13.35
N GLU D 116 -10.83 17.58 -12.51
CA GLU D 116 -9.69 18.47 -12.69
C GLU D 116 -9.00 18.23 -14.02
N GLY D 117 -8.84 16.96 -14.41
CA GLY D 117 -8.18 16.66 -15.67
C GLY D 117 -8.96 17.18 -16.87
N THR D 118 -10.27 16.91 -16.89
CA THR D 118 -11.09 17.41 -17.99
C THR D 118 -11.03 18.93 -18.06
N ARG D 119 -11.11 19.59 -16.91
CA ARG D 119 -11.07 21.05 -16.89
C ARG D 119 -9.76 21.57 -17.42
N ALA D 120 -8.64 20.97 -17.00
CA ALA D 120 -7.33 21.43 -17.46
C ALA D 120 -7.18 21.23 -18.96
N VAL D 121 -7.61 20.07 -19.46
CA VAL D 121 -7.52 19.83 -20.89
C VAL D 121 -8.34 20.86 -21.66
N THR D 122 -9.56 21.14 -21.17
CA THR D 122 -10.41 22.10 -21.85
C THR D 122 -9.78 23.48 -21.86
N LYS D 123 -9.25 23.92 -20.73
CA LYS D 123 -8.60 25.23 -20.67
C LYS D 123 -7.39 25.27 -21.59
N TYR D 124 -6.67 24.16 -21.74
CA TYR D 124 -5.52 24.13 -22.62
C TYR D 124 -5.94 24.33 -24.07
N SER D 125 -6.90 23.54 -24.55
CA SER D 125 -7.27 23.59 -25.96
C SER D 125 -8.00 24.88 -26.31
N SER D 126 -8.91 25.32 -25.45
CA SER D 126 -9.64 26.56 -25.71
C SER D 126 -8.65 27.71 -25.85
N SER D 127 -8.87 28.54 -26.87
CA SER D 127 -7.99 29.68 -27.12
C SER D 127 -8.68 30.71 -28.01
N PRO E 43 0.24 -4.10 38.45
CA PRO E 43 0.43 -5.03 37.33
C PRO E 43 -0.32 -4.63 36.07
N GLY E 44 0.40 -4.08 35.10
CA GLY E 44 -0.19 -3.63 33.86
C GLY E 44 -0.71 -2.21 33.88
N THR E 45 -0.67 -1.53 35.01
CA THR E 45 -1.16 -0.15 35.07
C THR E 45 -0.30 0.77 34.22
N VAL E 46 1.03 0.64 34.29
CA VAL E 46 1.93 1.47 33.49
C VAL E 46 2.20 0.87 32.12
N ALA E 47 1.71 -0.34 31.85
CA ALA E 47 1.79 -0.87 30.50
C ALA E 47 1.05 0.04 29.52
N LEU E 48 -0.13 0.51 29.90
CA LEU E 48 -0.86 1.45 29.05
C LEU E 48 -0.12 2.78 28.94
N ARG E 49 0.52 3.20 30.04
CA ARG E 49 1.34 4.42 29.99
C ARG E 49 2.40 4.29 28.91
N GLU E 50 3.16 3.19 28.94
CA GLU E 50 4.15 2.94 27.91
C GLU E 50 3.49 2.89 26.54
N ILE E 51 2.32 2.25 26.44
CA ILE E 51 1.66 2.07 25.16
C ILE E 51 1.40 3.42 24.50
N ARG E 52 0.67 4.29 25.19
CA ARG E 52 0.25 5.52 24.52
C ARG E 52 1.43 6.49 24.43
N ARG E 53 2.39 6.39 25.36
CA ARG E 53 3.62 7.17 25.21
C ARG E 53 4.31 6.85 23.88
N TYR E 54 4.54 5.56 23.62
CA TYR E 54 5.22 5.19 22.39
C TYR E 54 4.37 5.46 21.17
N GLN E 55 3.06 5.24 21.25
CA GLN E 55 2.19 5.50 20.11
C GLN E 55 2.19 6.97 19.72
N LYS E 56 2.18 7.86 20.71
CA LYS E 56 2.20 9.29 20.42
C LYS E 56 3.49 9.72 19.75
N SER E 57 4.62 9.14 20.14
CA SER E 57 5.91 9.53 19.59
C SER E 57 6.10 8.96 18.20
N THR E 58 7.15 9.44 17.52
CA THR E 58 7.49 8.99 16.18
C THR E 58 8.97 8.69 16.01
N GLU E 59 9.67 8.35 17.09
CA GLU E 59 11.09 8.02 17.00
C GLU E 59 11.29 6.52 16.86
N LEU E 60 12.56 6.12 16.72
CA LEU E 60 12.90 4.72 16.57
C LEU E 60 12.82 4.01 17.92
N LEU E 61 12.81 2.68 17.87
CA LEU E 61 12.65 1.86 19.05
C LEU E 61 13.76 0.84 19.25
N ILE E 62 14.25 0.22 18.20
CA ILE E 62 15.38 -0.69 18.28
C ILE E 62 16.66 0.11 18.27
N ARG E 63 17.66 -0.35 19.02
CA ARG E 63 18.93 0.34 19.09
C ARG E 63 19.58 0.36 17.71
N LYS E 64 20.42 1.36 17.47
CA LYS E 64 20.92 1.59 16.12
C LYS E 64 22.10 0.69 15.79
N LEU E 65 23.15 0.75 16.60
CA LEU E 65 24.32 -0.09 16.34
C LEU E 65 23.98 -1.57 16.30
N PRO E 66 23.18 -2.12 17.22
CA PRO E 66 22.81 -3.52 17.09
C PRO E 66 22.13 -3.84 15.77
N PHE E 67 21.25 -2.96 15.30
CA PHE E 67 20.59 -3.20 14.02
C PHE E 67 21.59 -3.16 12.88
N GLN E 68 22.53 -2.21 12.94
CA GLN E 68 23.55 -2.12 11.91
C GLN E 68 24.39 -3.38 11.85
N ARG E 69 24.80 -3.88 13.01
CA ARG E 69 25.62 -5.09 13.05
C ARG E 69 24.84 -6.30 12.55
N LEU E 70 23.58 -6.43 12.96
CA LEU E 70 22.77 -7.53 12.48
C LEU E 70 22.63 -7.48 10.97
N VAL E 71 22.39 -6.27 10.43
CA VAL E 71 22.23 -6.12 8.99
C VAL E 71 23.52 -6.51 8.28
N ARG E 72 24.67 -6.07 8.78
CA ARG E 72 25.93 -6.41 8.14
C ARG E 72 26.15 -7.92 8.16
N GLU E 73 25.89 -8.55 9.29
CA GLU E 73 26.06 -10.00 9.38
C GLU E 73 25.15 -10.72 8.40
N ILE E 74 23.91 -10.26 8.27
CA ILE E 74 22.99 -10.88 7.33
C ILE E 74 23.50 -10.74 5.90
N ALA E 75 23.92 -9.53 5.54
CA ALA E 75 24.37 -9.31 4.17
C ALA E 75 25.63 -10.11 3.87
N GLN E 76 26.44 -10.38 4.88
CA GLN E 76 27.69 -11.10 4.65
C GLN E 76 27.46 -12.43 3.94
N ASP E 77 26.33 -13.08 4.20
CA ASP E 77 26.03 -14.35 3.55
C ASP E 77 25.76 -14.20 2.06
N PHE E 78 25.54 -12.98 1.58
CA PHE E 78 25.23 -12.77 0.18
C PHE E 78 26.44 -12.26 -0.60
N LYS E 79 27.27 -11.43 0.03
CA LYS E 79 28.47 -10.95 -0.62
C LYS E 79 29.39 -10.37 0.45
N THR E 80 30.61 -10.89 0.51
CA THR E 80 31.56 -10.43 1.52
C THR E 80 32.19 -9.11 1.11
N ASP E 81 32.83 -8.47 2.08
CA ASP E 81 33.48 -7.18 1.89
C ASP E 81 32.50 -6.10 1.46
N LEU E 82 31.23 -6.24 1.85
CA LEU E 82 30.19 -5.34 1.38
C LEU E 82 30.18 -4.04 2.18
N ARG E 83 29.73 -2.97 1.54
CA ARG E 83 29.66 -1.66 2.17
C ARG E 83 28.22 -1.17 2.13
N PHE E 84 27.82 -0.47 3.19
CA PHE E 84 26.45 -0.01 3.36
C PHE E 84 26.43 1.50 3.45
N GLN E 85 25.60 2.14 2.63
CA GLN E 85 25.31 3.54 2.79
C GLN E 85 24.50 3.75 4.06
N SER E 86 24.81 4.80 4.81
CA SER E 86 24.16 5.01 6.10
C SER E 86 22.65 5.18 5.93
N SER E 87 22.24 5.97 4.96
CA SER E 87 20.81 6.11 4.70
C SER E 87 20.19 4.77 4.37
N ALA E 88 20.93 3.86 3.74
CA ALA E 88 20.41 2.52 3.49
C ALA E 88 20.11 1.80 4.80
N VAL E 89 21.01 1.91 5.77
CA VAL E 89 20.80 1.24 7.05
C VAL E 89 19.59 1.83 7.76
N MET E 90 19.45 3.16 7.74
CA MET E 90 18.30 3.76 8.39
C MET E 90 17.00 3.37 7.67
N ALA E 91 17.05 3.25 6.34
CA ALA E 91 15.87 2.81 5.61
C ALA E 91 15.49 1.39 6.02
N LEU E 92 16.47 0.52 6.13
CA LEU E 92 16.20 -0.84 6.61
C LEU E 92 15.59 -0.81 7.99
N GLN E 93 16.11 0.05 8.87
CA GLN E 93 15.58 0.12 10.22
C GLN E 93 14.12 0.58 10.21
N GLU E 94 13.81 1.59 9.41
CA GLU E 94 12.43 2.06 9.35
C GLU E 94 11.50 0.98 8.81
N ALA E 95 11.92 0.29 7.75
CA ALA E 95 11.10 -0.79 7.22
C ALA E 95 10.87 -1.86 8.27
N SER E 96 11.92 -2.25 8.98
CA SER E 96 11.80 -3.34 9.95
C SER E 96 10.89 -2.94 11.11
N GLU E 97 11.03 -1.70 11.61
CA GLU E 97 10.18 -1.27 12.70
C GLU E 97 8.72 -1.19 12.27
N ALA E 98 8.45 -0.69 11.06
CA ALA E 98 7.07 -0.66 10.58
C ALA E 98 6.52 -2.07 10.47
N TYR E 99 7.30 -2.99 9.95
CA TYR E 99 6.84 -4.36 9.79
C TYR E 99 6.51 -4.98 11.14
N LEU E 100 7.39 -4.79 12.12
CA LEU E 100 7.15 -5.39 13.43
C LEU E 100 5.94 -4.76 14.11
N VAL E 101 5.78 -3.44 13.99
CA VAL E 101 4.61 -2.80 14.60
C VAL E 101 3.33 -3.36 14.00
N ALA E 102 3.27 -3.46 12.67
CA ALA E 102 2.06 -4.00 12.04
C ALA E 102 1.82 -5.45 12.44
N LEU E 103 2.88 -6.26 12.44
CA LEU E 103 2.71 -7.66 12.82
C LEU E 103 2.24 -7.78 14.25
N PHE E 104 2.63 -6.85 15.12
CA PHE E 104 2.18 -6.89 16.50
C PHE E 104 0.74 -6.44 16.65
N GLU E 105 0.28 -5.48 15.85
CA GLU E 105 -1.15 -5.18 15.88
C GLU E 105 -1.97 -6.40 15.47
N ASP E 106 -1.54 -7.09 14.40
CA ASP E 106 -2.24 -8.30 14.00
C ASP E 106 -2.18 -9.38 15.08
N THR E 107 -1.02 -9.52 15.72
CA THR E 107 -0.89 -10.49 16.79
C THR E 107 -1.82 -10.17 17.95
N ASN E 108 -1.95 -8.88 18.27
CA ASN E 108 -2.84 -8.49 19.35
C ASN E 108 -4.29 -8.80 19.00
N LEU E 109 -4.69 -8.55 17.75
CA LEU E 109 -6.03 -8.93 17.34
C LEU E 109 -6.24 -10.42 17.54
N CYS E 110 -5.24 -11.23 17.17
CA CYS E 110 -5.38 -12.67 17.35
C CYS E 110 -5.52 -13.05 18.82
N ALA E 111 -4.70 -12.43 19.68
CA ALA E 111 -4.77 -12.72 21.11
C ALA E 111 -6.13 -12.37 21.67
N ILE E 112 -6.67 -11.22 21.30
CA ILE E 112 -8.01 -10.84 21.75
C ILE E 112 -9.04 -11.82 21.23
N HIS E 113 -8.89 -12.25 19.98
CA HIS E 113 -9.77 -13.28 19.43
C HIS E 113 -9.76 -14.54 20.29
N ALA E 114 -8.61 -14.89 20.85
CA ALA E 114 -8.53 -16.05 21.72
C ALA E 114 -9.04 -15.78 23.12
N LYS E 115 -9.64 -14.62 23.36
CA LYS E 115 -10.08 -14.22 24.71
C LYS E 115 -8.90 -14.09 25.67
N ARG E 116 -7.75 -13.67 25.16
CA ARG E 116 -6.57 -13.43 25.96
C ARG E 116 -6.08 -11.99 25.78
N VAL E 117 -5.26 -11.56 26.73
CA VAL E 117 -4.60 -10.27 26.63
C VAL E 117 -3.09 -10.40 26.48
N THR E 118 -2.53 -11.59 26.72
CA THR E 118 -1.12 -11.85 26.48
C THR E 118 -0.93 -12.39 25.07
N ILE E 119 0.07 -11.88 24.38
CA ILE E 119 0.41 -12.40 23.06
C ILE E 119 1.37 -13.57 23.21
N MET E 120 1.15 -14.61 22.42
CA MET E 120 1.89 -15.85 22.51
C MET E 120 2.34 -16.25 21.12
N PRO E 121 3.33 -17.14 21.01
CA PRO E 121 3.88 -17.45 19.68
C PRO E 121 2.85 -17.86 18.67
N LYS E 122 1.86 -18.65 19.08
CA LYS E 122 0.82 -19.08 18.15
C LYS E 122 0.05 -17.90 17.58
N ASP E 123 -0.03 -16.78 18.31
CA ASP E 123 -0.65 -15.59 17.75
C ASP E 123 0.15 -15.04 16.58
N ILE E 124 1.46 -14.88 16.76
CA ILE E 124 2.29 -14.40 15.67
C ILE E 124 2.21 -15.36 14.49
N GLN E 125 2.22 -16.65 14.77
CA GLN E 125 2.15 -17.64 13.70
C GLN E 125 0.85 -17.53 12.93
N LEU E 126 -0.27 -17.36 13.64
CA LEU E 126 -1.55 -17.20 12.95
C LEU E 126 -1.56 -15.96 12.09
N ALA E 127 -1.04 -14.85 12.64
CA ALA E 127 -0.99 -13.61 11.86
C ALA E 127 -0.21 -13.82 10.57
N ARG E 128 0.99 -14.37 10.67
CA ARG E 128 1.82 -14.55 9.48
C ARG E 128 1.16 -15.53 8.51
N ARG E 129 0.58 -16.61 9.01
CA ARG E 129 -0.04 -17.59 8.13
C ARG E 129 -1.19 -16.97 7.34
N ILE E 130 -2.03 -16.19 8.02
CA ILE E 130 -3.15 -15.55 7.33
C ILE E 130 -2.64 -14.53 6.34
N ARG E 131 -1.56 -13.83 6.66
CA ARG E 131 -1.10 -12.75 5.80
C ARG E 131 -0.32 -13.24 4.58
N GLY E 132 -0.19 -14.55 4.39
CA GLY E 132 0.48 -15.07 3.23
C GLY E 132 1.97 -15.23 3.37
N GLU E 133 2.49 -15.27 4.59
CA GLU E 133 3.93 -15.32 4.82
C GLU E 133 4.33 -16.63 5.46
N VAL F 22 32.28 -8.95 10.41
CA VAL F 22 32.41 -10.41 10.67
C VAL F 22 32.18 -10.69 12.14
N LEU F 23 30.92 -10.94 12.51
CA LEU F 23 30.56 -11.17 13.90
C LEU F 23 29.33 -12.05 13.96
N ARG F 24 29.13 -12.67 15.12
CA ARG F 24 28.00 -13.54 15.39
C ARG F 24 27.32 -13.07 16.67
N ASP F 25 26.25 -13.77 17.07
CA ASP F 25 25.46 -13.47 18.26
C ASP F 25 24.71 -12.16 18.14
N ASN F 26 24.57 -11.60 16.93
CA ASN F 26 23.98 -10.28 16.76
C ASN F 26 22.46 -10.30 16.89
N ILE F 27 21.80 -11.39 16.52
CA ILE F 27 20.35 -11.43 16.60
C ILE F 27 19.91 -11.15 18.03
N GLN F 28 20.75 -11.44 19.00
CA GLN F 28 20.47 -11.09 20.39
C GLN F 28 20.52 -9.58 20.62
N GLY F 29 21.02 -8.82 19.65
CA GLY F 29 21.03 -7.38 19.78
C GLY F 29 19.66 -6.75 19.78
N ILE F 30 18.66 -7.45 19.26
CA ILE F 30 17.29 -6.99 19.36
C ILE F 30 16.83 -7.39 20.76
N THR F 31 17.10 -6.54 21.72
CA THR F 31 16.96 -6.91 23.12
C THR F 31 15.50 -7.05 23.48
N LYS F 32 15.27 -7.55 24.69
CA LYS F 32 13.91 -7.68 25.22
C LYS F 32 13.18 -6.35 25.29
N PRO F 33 13.75 -5.28 25.84
CA PRO F 33 13.02 -4.01 25.86
C PRO F 33 12.66 -3.46 24.49
N ALA F 34 13.50 -3.68 23.48
CA ALA F 34 13.14 -3.20 22.14
C ALA F 34 11.89 -3.91 21.63
N ILE F 35 11.85 -5.22 21.77
CA ILE F 35 10.66 -5.96 21.39
C ILE F 35 9.46 -5.51 22.20
N ARG F 36 9.68 -5.23 23.49
CA ARG F 36 8.59 -4.72 24.32
C ARG F 36 8.05 -3.40 23.78
N ARG F 37 8.94 -2.49 23.41
CA ARG F 37 8.49 -1.18 22.93
C ARG F 37 7.73 -1.32 21.62
N LEU F 38 8.22 -2.18 20.72
CA LEU F 38 7.48 -2.42 19.49
C LEU F 38 6.11 -3.02 19.77
N ALA F 39 6.04 -3.96 20.72
CA ALA F 39 4.75 -4.55 21.05
C ALA F 39 3.79 -3.53 21.61
N ARG F 40 4.28 -2.67 22.50
CA ARG F 40 3.43 -1.65 23.11
C ARG F 40 2.95 -0.65 22.08
N ARG F 41 3.82 -0.23 21.17
CA ARG F 41 3.39 0.71 20.12
C ARG F 41 2.28 0.11 19.28
N GLY F 42 2.22 -1.21 19.18
CA GLY F 42 1.13 -1.88 18.52
C GLY F 42 -0.11 -2.08 19.37
N GLY F 43 -0.03 -1.76 20.65
CA GLY F 43 -1.17 -1.85 21.53
C GLY F 43 -1.21 -3.06 22.43
N VAL F 44 -0.14 -3.86 22.46
CA VAL F 44 -0.11 -5.04 23.32
C VAL F 44 0.17 -4.59 24.74
N LYS F 45 -0.64 -5.06 25.69
CA LYS F 45 -0.47 -4.69 27.09
C LYS F 45 0.09 -5.82 27.95
N ARG F 46 0.31 -7.01 27.39
CA ARG F 46 1.00 -8.07 28.09
C ARG F 46 1.64 -9.01 27.07
N ILE F 47 2.85 -9.48 27.39
CA ILE F 47 3.62 -10.34 26.50
C ILE F 47 4.12 -11.54 27.27
N SER F 48 4.37 -12.63 26.57
CA SER F 48 4.96 -13.81 27.16
C SER F 48 6.46 -13.84 26.92
N GLY F 49 7.14 -14.74 27.61
CA GLY F 49 8.58 -14.83 27.48
C GLY F 49 9.06 -15.44 26.19
N LEU F 50 8.20 -16.22 25.53
CA LEU F 50 8.58 -16.87 24.29
C LEU F 50 8.46 -15.96 23.08
N ILE F 51 7.79 -14.81 23.22
CA ILE F 51 7.60 -13.92 22.08
C ILE F 51 8.92 -13.38 21.58
N TYR F 52 9.93 -13.28 22.46
CA TYR F 52 11.15 -12.57 22.08
C TYR F 52 11.95 -13.33 21.04
N GLU F 53 12.15 -14.63 21.23
CA GLU F 53 12.81 -15.42 20.20
C GLU F 53 12.01 -15.50 18.91
N GLU F 54 10.68 -15.62 19.00
CA GLU F 54 9.86 -15.65 17.79
C GLU F 54 10.02 -14.37 16.99
N THR F 55 9.96 -13.22 17.66
CA THR F 55 10.08 -11.96 16.95
C THR F 55 11.49 -11.78 16.40
N ARG F 56 12.50 -12.25 17.13
CA ARG F 56 13.85 -12.21 16.58
C ARG F 56 13.93 -13.03 15.29
N GLY F 57 13.33 -14.21 15.29
CA GLY F 57 13.34 -15.04 14.09
C GLY F 57 12.58 -14.40 12.94
N VAL F 58 11.44 -13.79 13.23
CA VAL F 58 10.65 -13.13 12.19
C VAL F 58 11.43 -11.97 11.59
N LEU F 59 12.05 -11.15 12.44
CA LEU F 59 12.85 -10.05 11.94
C LEU F 59 14.02 -10.55 11.12
N LYS F 60 14.65 -11.64 11.56
CA LYS F 60 15.75 -12.21 10.79
C LYS F 60 15.28 -12.62 9.40
N VAL F 61 14.14 -13.30 9.32
CA VAL F 61 13.63 -13.73 8.02
C VAL F 61 13.33 -12.53 7.13
N PHE F 62 12.67 -11.52 7.71
CA PHE F 62 12.32 -10.33 6.93
C PHE F 62 13.58 -9.62 6.41
N LEU F 63 14.58 -9.47 7.28
CA LEU F 63 15.78 -8.77 6.88
C LEU F 63 16.56 -9.55 5.83
N GLU F 64 16.64 -10.87 5.97
CA GLU F 64 17.29 -11.65 4.91
C GLU F 64 16.57 -11.48 3.60
N ASN F 65 15.25 -11.55 3.62
CA ASN F 65 14.49 -11.47 2.38
C ASN F 65 14.69 -10.12 1.70
N VAL F 66 14.75 -9.03 2.47
CA VAL F 66 14.93 -7.73 1.84
C VAL F 66 16.37 -7.54 1.39
N ILE F 67 17.34 -7.95 2.21
CA ILE F 67 18.75 -7.75 1.86
C ILE F 67 19.14 -8.59 0.65
N ARG F 68 18.51 -9.74 0.47
CA ARG F 68 18.76 -10.51 -0.75
C ARG F 68 18.63 -9.60 -1.97
N ASP F 69 17.45 -9.02 -2.14
CA ASP F 69 17.18 -8.19 -3.30
C ASP F 69 18.03 -6.94 -3.28
N ALA F 70 18.27 -6.38 -2.11
CA ALA F 70 19.10 -5.17 -2.04
C ALA F 70 20.50 -5.45 -2.59
N VAL F 71 21.12 -6.53 -2.13
CA VAL F 71 22.45 -6.88 -2.61
C VAL F 71 22.41 -7.30 -4.06
N THR F 72 21.29 -7.86 -4.52
CA THR F 72 21.17 -8.17 -5.94
C THR F 72 21.22 -6.89 -6.77
N TYR F 73 20.41 -5.90 -6.39
CA TYR F 73 20.45 -4.62 -7.09
C TYR F 73 21.83 -4.00 -7.02
N THR F 74 22.53 -4.17 -5.89
CA THR F 74 23.87 -3.61 -5.76
C THR F 74 24.85 -4.29 -6.71
N GLU F 75 24.90 -5.61 -6.70
CA GLU F 75 25.86 -6.33 -7.52
C GLU F 75 25.59 -6.09 -9.00
N HIS F 76 24.33 -6.05 -9.40
CA HIS F 76 24.01 -5.84 -10.80
C HIS F 76 24.70 -4.61 -11.36
N ALA F 77 24.61 -3.50 -10.64
CA ALA F 77 25.19 -2.25 -11.11
C ALA F 77 26.71 -2.21 -11.02
N LYS F 78 27.33 -3.27 -10.51
CA LYS F 78 28.79 -3.31 -10.36
C LYS F 78 29.26 -2.30 -9.33
N ARG F 79 28.59 -2.28 -8.18
CA ARG F 79 28.90 -1.38 -7.09
C ARG F 79 29.22 -2.18 -5.84
N LYS F 80 30.13 -1.65 -5.02
CA LYS F 80 30.52 -2.29 -3.78
C LYS F 80 29.72 -1.80 -2.58
N THR F 81 29.03 -0.67 -2.72
CA THR F 81 28.22 -0.11 -1.64
C THR F 81 26.75 -0.33 -1.94
N VAL F 82 25.98 -0.73 -0.93
CA VAL F 82 24.55 -0.88 -1.07
C VAL F 82 23.91 0.47 -0.81
N THR F 83 23.37 1.09 -1.86
CA THR F 83 22.80 2.42 -1.73
C THR F 83 21.41 2.34 -1.13
N ALA F 84 20.97 3.45 -0.54
CA ALA F 84 19.63 3.48 0.03
C ALA F 84 18.57 3.24 -1.02
N MET F 85 18.84 3.60 -2.27
CA MET F 85 17.86 3.33 -3.30
C MET F 85 17.72 1.83 -3.51
N ASP F 86 18.79 1.07 -3.35
CA ASP F 86 18.67 -0.38 -3.48
C ASP F 86 17.68 -0.92 -2.48
N VAL F 87 17.75 -0.44 -1.23
CA VAL F 87 16.78 -0.85 -0.23
C VAL F 87 15.39 -0.41 -0.63
N VAL F 88 15.25 0.82 -1.15
CA VAL F 88 13.95 1.32 -1.54
C VAL F 88 13.32 0.41 -2.58
N TYR F 89 14.08 0.07 -3.63
CA TYR F 89 13.49 -0.74 -4.70
C TYR F 89 13.29 -2.18 -4.26
N ALA F 90 14.15 -2.71 -3.41
CA ALA F 90 13.91 -4.06 -2.91
C ALA F 90 12.61 -4.12 -2.14
N LEU F 91 12.39 -3.16 -1.25
CA LEU F 91 11.13 -3.12 -0.51
C LEU F 91 9.95 -2.96 -1.45
N LYS F 92 10.06 -2.08 -2.44
CA LYS F 92 8.96 -1.90 -3.38
C LYS F 92 8.66 -3.20 -4.11
N ARG F 93 9.71 -3.90 -4.53
CA ARG F 93 9.53 -5.17 -5.21
C ARG F 93 8.82 -6.17 -4.30
N GLN F 94 9.04 -6.07 -2.99
CA GLN F 94 8.25 -6.87 -2.07
C GLN F 94 6.87 -6.29 -1.80
N GLY F 95 6.54 -5.16 -2.41
CA GLY F 95 5.24 -4.54 -2.21
C GLY F 95 5.14 -3.59 -1.05
N ARG F 96 6.20 -3.43 -0.27
CA ARG F 96 6.20 -2.54 0.89
C ARG F 96 6.93 -1.24 0.54
N THR F 97 6.26 -0.37 -0.20
CA THR F 97 6.89 0.88 -0.61
C THR F 97 7.16 1.77 0.60
N LEU F 98 8.20 2.59 0.49
CA LEU F 98 8.70 3.40 1.58
C LEU F 98 8.98 4.80 1.07
N TYR F 99 8.42 5.81 1.74
CA TYR F 99 8.62 7.20 1.38
C TYR F 99 9.49 7.89 2.42
N GLY F 100 10.51 8.59 1.96
CA GLY F 100 11.33 9.39 2.85
C GLY F 100 12.80 9.37 2.56
N PHE F 101 13.31 8.26 2.04
CA PHE F 101 14.74 8.10 1.83
C PHE F 101 15.15 8.17 0.37
N GLY F 102 14.23 8.44 -0.54
CA GLY F 102 14.57 8.49 -1.94
C GLY F 102 13.37 8.09 -2.78
N GLY F 103 13.59 8.05 -4.09
CA GLY F 103 12.56 7.68 -5.04
C GLY F 103 11.57 8.79 -5.29
N GLN G 16 19.30 -21.50 -41.13
CA GLN G 16 18.75 -22.37 -40.05
C GLN G 16 17.99 -21.54 -39.03
N SER G 17 17.31 -22.22 -38.10
CA SER G 17 16.54 -21.52 -37.08
C SER G 17 17.45 -21.11 -35.93
N ARG G 18 17.22 -19.91 -35.40
CA ARG G 18 18.00 -19.46 -34.26
C ARG G 18 17.66 -20.25 -33.01
N SER G 19 16.44 -20.76 -32.91
CA SER G 19 16.09 -21.62 -31.78
C SER G 19 16.93 -22.88 -31.79
N ALA G 20 17.12 -23.48 -32.95
CA ALA G 20 17.99 -24.65 -33.05
C ALA G 20 19.45 -24.26 -32.88
N LYS G 21 19.83 -23.09 -33.39
CA LYS G 21 21.21 -22.64 -33.25
C LYS G 21 21.64 -22.59 -31.79
N ALA G 22 20.69 -22.34 -30.89
CA ALA G 22 20.96 -22.24 -29.46
C ALA G 22 20.49 -23.46 -28.69
N GLY G 23 20.15 -24.54 -29.36
CA GLY G 23 19.76 -25.76 -28.67
C GLY G 23 18.51 -25.62 -27.81
N LEU G 24 17.47 -24.99 -28.34
CA LEU G 24 16.21 -24.80 -27.64
C LEU G 24 15.05 -25.30 -28.52
N THR G 25 13.85 -25.15 -27.99
CA THR G 25 12.61 -25.49 -28.69
C THR G 25 11.65 -24.32 -28.79
N PHE G 26 11.77 -23.34 -27.90
CA PHE G 26 10.87 -22.21 -27.91
C PHE G 26 11.31 -21.17 -28.94
N PRO G 27 10.40 -20.29 -29.36
CA PRO G 27 10.64 -19.45 -30.53
C PRO G 27 11.49 -18.23 -30.24
N VAL G 28 12.81 -18.36 -30.34
CA VAL G 28 13.69 -17.25 -29.95
C VAL G 28 13.37 -16.00 -30.73
N GLY G 29 13.12 -16.12 -32.03
CA GLY G 29 12.79 -14.95 -32.82
C GLY G 29 11.48 -14.30 -32.41
N ARG G 30 10.48 -15.12 -32.09
CA ARG G 30 9.21 -14.59 -31.61
C ARG G 30 9.42 -13.79 -30.33
N VAL G 31 10.27 -14.29 -29.43
CA VAL G 31 10.54 -13.57 -28.19
C VAL G 31 11.32 -12.30 -28.47
N HIS G 32 12.22 -12.32 -29.45
CA HIS G 32 12.95 -11.12 -29.79
C HIS G 32 11.98 -10.04 -30.26
N ARG G 33 11.02 -10.43 -31.11
CA ARG G 33 10.01 -9.48 -31.54
C ARG G 33 9.15 -9.00 -30.37
N LEU G 34 8.79 -9.91 -29.47
CA LEU G 34 7.97 -9.52 -28.32
C LEU G 34 8.70 -8.50 -27.46
N LEU G 35 9.97 -8.73 -27.18
CA LEU G 35 10.75 -7.78 -26.40
C LEU G 35 10.90 -6.46 -27.14
N ARG G 36 11.15 -6.51 -28.44
CA ARG G 36 11.35 -5.29 -29.20
C ARG G 36 10.09 -4.43 -29.19
N ARG G 37 8.95 -5.02 -29.56
CA ARG G 37 7.73 -4.24 -29.75
C ARG G 37 6.87 -4.16 -28.51
N GLY G 38 7.26 -4.77 -27.41
CA GLY G 38 6.43 -4.80 -26.23
C GLY G 38 6.69 -3.67 -25.26
N ASN G 39 7.40 -2.64 -25.72
CA ASN G 39 7.60 -1.43 -24.94
C ASN G 39 8.27 -1.73 -23.60
N TYR G 40 9.51 -2.19 -23.71
CA TYR G 40 10.36 -2.40 -22.54
C TYR G 40 11.61 -1.55 -22.55
N ALA G 41 12.20 -1.29 -23.71
CA ALA G 41 13.37 -0.43 -23.80
C ALA G 41 13.54 0.01 -25.24
N GLN G 42 14.37 1.04 -25.43
CA GLN G 42 14.66 1.50 -26.78
C GLN G 42 15.44 0.47 -27.56
N ARG G 43 16.18 -0.42 -26.88
CA ARG G 43 17.08 -1.36 -27.53
C ARG G 43 17.09 -2.67 -26.76
N ILE G 44 16.97 -3.78 -27.47
CA ILE G 44 16.99 -5.12 -26.90
C ILE G 44 18.22 -5.82 -27.44
N GLY G 45 19.08 -6.29 -26.54
CA GLY G 45 20.33 -6.90 -26.95
C GLY G 45 20.11 -8.26 -27.58
N SER G 46 21.13 -8.72 -28.31
CA SER G 46 21.00 -9.96 -29.07
C SER G 46 20.80 -11.16 -28.15
N GLY G 47 21.55 -11.24 -27.05
CA GLY G 47 21.49 -12.40 -26.19
C GLY G 47 20.32 -12.43 -25.23
N ALA G 48 19.66 -11.28 -25.03
CA ALA G 48 18.54 -11.23 -24.10
C ALA G 48 17.40 -12.15 -24.51
N PRO G 49 16.92 -12.13 -25.76
CA PRO G 49 15.87 -13.08 -26.15
C PRO G 49 16.29 -14.52 -25.98
N VAL G 50 17.55 -14.85 -26.25
CA VAL G 50 18.00 -16.22 -26.07
C VAL G 50 17.92 -16.62 -24.61
N TYR G 51 18.43 -15.77 -23.72
CA TYR G 51 18.37 -16.06 -22.30
C TYR G 51 16.93 -16.27 -21.85
N LEU G 52 16.04 -15.35 -22.25
CA LEU G 52 14.66 -15.43 -21.80
C LEU G 52 13.98 -16.67 -22.34
N THR G 53 14.24 -17.01 -23.61
CA THR G 53 13.67 -18.21 -24.18
C THR G 53 14.13 -19.45 -23.42
N ALA G 54 15.41 -19.50 -23.09
CA ALA G 54 15.91 -20.66 -22.35
C ALA G 54 15.26 -20.77 -20.98
N VAL G 55 15.14 -19.66 -20.27
CA VAL G 55 14.55 -19.69 -18.93
C VAL G 55 13.09 -20.12 -19.00
N LEU G 56 12.35 -19.55 -19.95
CA LEU G 56 10.94 -19.90 -20.10
C LEU G 56 10.79 -21.37 -20.47
N GLU G 57 11.66 -21.87 -21.34
CA GLU G 57 11.60 -23.27 -21.70
C GLU G 57 11.88 -24.16 -20.50
N TYR G 58 12.84 -23.78 -19.66
CA TYR G 58 13.11 -24.59 -18.47
C TYR G 58 11.90 -24.61 -17.55
N LEU G 59 11.27 -23.47 -17.34
CA LEU G 59 10.10 -23.45 -16.46
C LEU G 59 8.98 -24.30 -17.02
N ALA G 60 8.73 -24.17 -18.33
CA ALA G 60 7.70 -25.00 -18.97
C ALA G 60 8.02 -26.47 -18.83
N ALA G 61 9.28 -26.85 -19.03
CA ALA G 61 9.67 -28.25 -18.90
C ALA G 61 9.45 -28.75 -17.48
N GLU G 62 9.87 -27.96 -16.50
CA GLU G 62 9.71 -28.37 -15.11
C GLU G 62 8.24 -28.59 -14.76
N ILE G 63 7.39 -27.62 -15.08
CA ILE G 63 5.98 -27.75 -14.73
C ILE G 63 5.35 -28.91 -15.49
N LEU G 64 5.70 -29.08 -16.76
CA LEU G 64 5.16 -30.19 -17.53
C LEU G 64 5.56 -31.52 -16.93
N GLU G 65 6.82 -31.65 -16.51
CA GLU G 65 7.27 -32.90 -15.94
C GLU G 65 6.51 -33.23 -14.66
N LEU G 66 6.35 -32.23 -13.78
CA LEU G 66 5.60 -32.49 -12.56
C LEU G 66 4.15 -32.84 -12.85
N ALA G 67 3.52 -32.14 -13.80
CA ALA G 67 2.12 -32.42 -14.11
C ALA G 67 1.95 -33.80 -14.73
N GLY G 68 2.88 -34.20 -15.59
CA GLY G 68 2.82 -35.53 -16.15
C GLY G 68 3.00 -36.60 -15.09
N ASN G 69 3.89 -36.35 -14.12
CA ASN G 69 4.00 -37.27 -13.00
C ASN G 69 2.67 -37.38 -12.27
N ALA G 70 1.99 -36.26 -12.05
CA ALA G 70 0.69 -36.30 -11.39
C ALA G 70 -0.32 -37.11 -12.21
N ALA G 71 -0.35 -36.89 -13.52
CA ALA G 71 -1.29 -37.62 -14.36
C ALA G 71 -1.02 -39.12 -14.33
N ARG G 72 0.25 -39.53 -14.39
CA ARG G 72 0.56 -40.95 -14.29
C ARG G 72 0.19 -41.49 -12.92
N ASP G 73 0.47 -40.74 -11.85
CA ASP G 73 0.06 -41.13 -10.52
C ASP G 73 -1.45 -41.25 -10.42
N ASN G 74 -2.19 -40.63 -11.33
CA ASN G 74 -3.64 -40.78 -11.38
C ASN G 74 -4.11 -41.66 -12.54
N LYS G 75 -3.20 -42.32 -13.24
CA LYS G 75 -3.56 -43.22 -14.35
C LYS G 75 -4.36 -42.50 -15.43
N LYS G 76 -3.87 -41.34 -15.85
CA LYS G 76 -4.43 -40.60 -16.96
C LYS G 76 -3.35 -40.32 -17.99
N THR G 77 -3.78 -40.15 -19.24
CA THR G 77 -2.85 -39.90 -20.33
C THR G 77 -2.72 -38.43 -20.69
N ARG G 78 -3.67 -37.60 -20.28
CA ARG G 78 -3.67 -36.19 -20.63
C ARG G 78 -3.56 -35.33 -19.38
N ILE G 79 -3.01 -34.13 -19.53
CA ILE G 79 -2.86 -33.20 -18.42
C ILE G 79 -4.07 -32.27 -18.39
N ILE G 80 -4.80 -32.28 -17.28
CA ILE G 80 -5.95 -31.40 -17.10
C ILE G 80 -5.64 -30.45 -15.95
N PRO G 81 -6.44 -29.40 -15.75
CA PRO G 81 -6.07 -28.39 -14.75
C PRO G 81 -5.89 -28.95 -13.36
N ARG G 82 -6.53 -30.06 -13.03
CA ARG G 82 -6.31 -30.67 -11.72
C ARG G 82 -4.84 -31.06 -11.56
N HIS G 83 -4.26 -31.67 -12.60
CA HIS G 83 -2.88 -32.10 -12.51
C HIS G 83 -1.93 -30.91 -12.42
N LEU G 84 -2.22 -29.84 -13.15
CA LEU G 84 -1.41 -28.63 -13.03
C LEU G 84 -1.48 -28.06 -11.62
N GLN G 85 -2.67 -28.04 -11.03
CA GLN G 85 -2.81 -27.54 -9.66
C GLN G 85 -2.02 -28.40 -8.68
N LEU G 86 -2.13 -29.73 -8.83
CA LEU G 86 -1.40 -30.61 -7.92
C LEU G 86 0.09 -30.43 -8.08
N ALA G 87 0.57 -30.31 -9.31
CA ALA G 87 1.99 -30.14 -9.55
C ALA G 87 2.49 -28.84 -8.94
N ILE G 88 1.72 -27.77 -9.08
CA ILE G 88 2.18 -26.47 -8.58
C ILE G 88 2.14 -26.44 -7.06
N ARG G 89 1.04 -26.88 -6.46
CA ARG G 89 0.86 -26.67 -5.02
C ARG G 89 1.68 -27.65 -4.19
N ASN G 90 2.01 -28.83 -4.73
CA ASN G 90 2.86 -29.76 -3.98
C ASN G 90 4.30 -29.32 -3.96
N ASP G 91 4.75 -28.59 -4.99
CA ASP G 91 6.15 -28.19 -5.10
C ASP G 91 6.36 -26.89 -4.33
N ASP G 92 7.30 -26.90 -3.39
CA ASP G 92 7.45 -25.78 -2.48
C ASP G 92 7.96 -24.51 -3.15
N GLU G 93 8.59 -24.61 -4.32
CA GLU G 93 9.08 -23.43 -5.01
C GLU G 93 8.20 -23.02 -6.17
N LEU G 94 7.80 -23.98 -7.00
CA LEU G 94 6.84 -23.68 -8.06
C LEU G 94 5.51 -23.24 -7.48
N ASN G 95 5.27 -23.52 -6.19
CA ASN G 95 4.12 -22.94 -5.51
C ASN G 95 4.32 -21.44 -5.29
N LYS G 96 5.37 -21.09 -4.57
CA LYS G 96 5.56 -19.68 -4.21
C LYS G 96 5.79 -18.81 -5.42
N LEU G 97 6.32 -19.35 -6.52
CA LEU G 97 6.36 -18.59 -7.75
C LEU G 97 4.96 -18.27 -8.25
N LEU G 98 3.97 -19.11 -7.90
CA LEU G 98 2.59 -18.94 -8.32
C LEU G 98 1.63 -18.91 -7.15
N GLY G 99 2.02 -18.29 -6.03
CA GLY G 99 1.15 -18.25 -4.88
C GLY G 99 -0.02 -17.31 -5.05
N ASN G 100 0.13 -16.31 -5.92
CA ASN G 100 -0.91 -15.31 -6.14
C ASN G 100 -1.73 -15.60 -7.38
N VAL G 101 -1.74 -16.85 -7.85
CA VAL G 101 -2.41 -17.24 -9.09
C VAL G 101 -3.48 -18.28 -8.77
N THR G 102 -4.63 -18.15 -9.39
CA THR G 102 -5.69 -19.14 -9.32
C THR G 102 -5.85 -19.80 -10.68
N ILE G 103 -6.03 -21.11 -10.67
CA ILE G 103 -6.03 -21.92 -11.89
C ILE G 103 -7.41 -22.53 -12.06
N ALA G 104 -8.04 -22.25 -13.20
CA ALA G 104 -9.39 -22.73 -13.44
C ALA G 104 -9.44 -24.25 -13.33
N GLN G 105 -10.46 -24.74 -12.63
CA GLN G 105 -10.68 -26.18 -12.51
C GLN G 105 -9.51 -26.87 -11.83
N GLY G 106 -8.84 -26.16 -10.92
CA GLY G 106 -7.72 -26.74 -10.20
C GLY G 106 -8.12 -27.39 -8.90
N GLY G 107 -9.26 -27.00 -8.34
CA GLY G 107 -9.63 -27.54 -7.05
C GLY G 107 -8.70 -27.05 -5.96
N VAL G 108 -8.43 -27.94 -5.00
CA VAL G 108 -7.60 -27.63 -3.86
C VAL G 108 -6.92 -28.90 -3.37
N LEU G 109 -5.77 -28.72 -2.73
CA LEU G 109 -5.09 -29.85 -2.09
C LEU G 109 -5.91 -30.33 -0.90
N PRO G 110 -6.00 -31.64 -0.69
CA PRO G 110 -6.69 -32.14 0.51
C PRO G 110 -6.03 -31.62 1.77
N ASN G 111 -6.85 -31.13 2.70
CA ASN G 111 -6.34 -30.55 3.94
C ASN G 111 -7.44 -30.62 4.98
N ILE G 112 -7.33 -31.59 5.88
CA ILE G 112 -8.26 -31.73 7.00
C ILE G 112 -7.47 -31.57 8.29
N HIS G 113 -7.78 -30.53 9.04
CA HIS G 113 -7.03 -30.21 10.25
C HIS G 113 -7.18 -31.31 11.28
N GLN G 114 -6.12 -31.57 12.03
CA GLN G 114 -6.14 -32.66 13.00
C GLN G 114 -7.20 -32.44 14.06
N ASN G 115 -7.44 -31.19 14.44
CA ASN G 115 -8.41 -30.90 15.49
C ASN G 115 -9.83 -31.26 15.10
N LEU G 116 -10.10 -31.46 13.81
CA LEU G 116 -11.43 -31.85 13.37
C LEU G 116 -11.59 -33.36 13.24
N LEU G 117 -10.54 -34.12 13.52
CA LEU G 117 -10.60 -35.56 13.33
C LEU G 117 -11.51 -36.19 14.37
N PRO G 118 -12.08 -37.37 14.08
CA PRO G 118 -13.01 -37.99 15.02
C PRO G 118 -12.30 -38.41 16.29
N LYS G 119 -13.08 -38.53 17.36
CA LYS G 119 -12.56 -38.89 18.68
C LYS G 119 -11.57 -37.83 19.15
N ARG H 36 -4.45 -13.48 -37.02
CA ARG H 36 -3.82 -14.82 -36.85
C ARG H 36 -3.16 -14.92 -35.48
N LYS H 37 -3.86 -15.55 -34.55
CA LYS H 37 -3.46 -15.56 -33.15
C LYS H 37 -2.18 -16.37 -32.97
N GLU H 38 -1.20 -15.79 -32.31
CA GLU H 38 0.01 -16.51 -31.94
C GLU H 38 -0.24 -17.34 -30.69
N THR H 39 0.66 -18.29 -30.45
CA THR H 39 0.46 -19.24 -29.36
C THR H 39 1.76 -20.02 -29.16
N TYR H 40 1.98 -20.48 -27.94
CA TYR H 40 3.09 -21.38 -27.65
C TYR H 40 2.68 -22.84 -27.66
N SER H 41 1.51 -23.17 -28.21
CA SER H 41 1.00 -24.53 -28.10
C SER H 41 1.98 -25.54 -28.68
N SER H 42 2.47 -25.27 -29.89
CA SER H 42 3.36 -26.23 -30.54
C SER H 42 4.62 -26.44 -29.72
N TYR H 43 5.20 -25.35 -29.21
CA TYR H 43 6.44 -25.47 -28.45
C TYR H 43 6.22 -26.20 -27.13
N ILE H 44 5.11 -25.90 -26.45
CA ILE H 44 4.82 -26.59 -25.19
C ILE H 44 4.62 -28.08 -25.46
N TYR H 45 3.95 -28.41 -26.56
CA TYR H 45 3.70 -29.80 -26.92
C TYR H 45 5.01 -30.52 -27.20
N LYS H 46 5.91 -29.88 -27.94
CA LYS H 46 7.20 -30.50 -28.25
C LYS H 46 8.06 -30.66 -27.00
N VAL H 47 8.03 -29.68 -26.10
CA VAL H 47 8.80 -29.80 -24.87
C VAL H 47 8.25 -30.92 -24.00
N LEU H 48 6.93 -31.07 -23.98
CA LEU H 48 6.33 -32.19 -23.26
C LEU H 48 6.82 -33.51 -23.85
N LYS H 49 6.80 -33.63 -25.18
CA LYS H 49 7.17 -34.90 -25.80
C LYS H 49 8.66 -35.17 -25.73
N GLN H 50 9.47 -34.14 -25.52
CA GLN H 50 10.91 -34.37 -25.37
C GLN H 50 11.23 -35.20 -24.13
N THR H 51 10.28 -35.35 -23.21
CA THR H 51 10.50 -36.10 -21.99
C THR H 51 9.48 -37.19 -21.74
N HIS H 52 8.27 -37.07 -22.29
CA HIS H 52 7.23 -38.08 -22.08
C HIS H 52 6.60 -38.40 -23.43
N PRO H 53 6.72 -39.64 -23.92
CA PRO H 53 6.37 -39.90 -25.32
C PRO H 53 4.89 -39.79 -25.62
N ASP H 54 4.02 -40.06 -24.65
CA ASP H 54 2.60 -40.27 -24.95
C ASP H 54 1.65 -39.41 -24.15
N THR H 55 2.14 -38.58 -23.24
CA THR H 55 1.25 -37.72 -22.47
C THR H 55 0.71 -36.61 -23.37
N GLY H 56 -0.56 -36.23 -23.13
CA GLY H 56 -1.22 -35.21 -23.91
C GLY H 56 -1.68 -34.06 -23.03
N ILE H 57 -2.06 -32.97 -23.70
CA ILE H 57 -2.50 -31.74 -23.01
C ILE H 57 -3.87 -31.38 -23.56
N SER H 58 -4.85 -31.26 -22.68
CA SER H 58 -6.17 -30.80 -23.07
C SER H 58 -6.12 -29.33 -23.44
N GLN H 59 -7.21 -28.84 -24.03
CA GLN H 59 -7.26 -27.45 -24.45
C GLN H 59 -7.15 -26.48 -23.27
N LYS H 60 -7.85 -26.77 -22.17
CA LYS H 60 -7.80 -25.88 -21.02
C LYS H 60 -6.42 -25.89 -20.37
N SER H 61 -5.82 -27.07 -20.22
CA SER H 61 -4.46 -27.11 -19.73
C SER H 61 -3.51 -26.37 -20.66
N MET H 62 -3.76 -26.45 -21.97
CA MET H 62 -2.91 -25.74 -22.91
C MET H 62 -3.02 -24.24 -22.70
N SER H 63 -4.24 -23.74 -22.51
CA SER H 63 -4.42 -22.32 -22.24
C SER H 63 -3.74 -21.92 -20.94
N ILE H 64 -3.84 -22.77 -19.91
CA ILE H 64 -3.23 -22.44 -18.63
C ILE H 64 -1.72 -22.33 -18.78
N LEU H 65 -1.11 -23.30 -19.48
CA LEU H 65 0.33 -23.25 -19.67
C LEU H 65 0.74 -22.05 -20.50
N ASN H 66 -0.04 -21.71 -21.53
CA ASN H 66 0.28 -20.54 -22.33
C ASN H 66 0.23 -19.27 -21.49
N SER H 67 -0.81 -19.12 -20.68
CA SER H 67 -0.92 -17.96 -19.82
C SER H 67 0.19 -17.94 -18.78
N PHE H 68 0.61 -19.10 -18.30
CA PHE H 68 1.75 -19.15 -17.38
C PHE H 68 3.00 -18.62 -18.06
N VAL H 69 3.26 -19.07 -19.29
CA VAL H 69 4.46 -18.65 -19.99
C VAL H 69 4.42 -17.15 -20.22
N ASN H 70 3.25 -16.64 -20.61
CA ASN H 70 3.12 -15.21 -20.86
C ASN H 70 3.27 -14.40 -19.58
N ASP H 71 2.73 -14.89 -18.47
CA ASP H 71 2.86 -14.19 -17.20
C ASP H 71 4.31 -14.11 -16.76
N ILE H 72 5.04 -15.23 -16.89
CA ILE H 72 6.44 -15.21 -16.47
C ILE H 72 7.26 -14.33 -17.41
N PHE H 73 6.94 -14.36 -18.70
CA PHE H 73 7.54 -13.42 -19.64
C PHE H 73 7.36 -12.00 -19.16
N GLU H 74 6.12 -11.65 -18.80
CA GLU H 74 5.84 -10.27 -18.39
C GLU H 74 6.62 -9.91 -17.13
N ARG H 75 6.65 -10.81 -16.15
CA ARG H 75 7.39 -10.53 -14.92
C ARG H 75 8.86 -10.26 -15.22
N ILE H 76 9.51 -11.19 -15.94
CA ILE H 76 10.94 -11.06 -16.18
C ILE H 76 11.22 -9.81 -17.01
N ALA H 77 10.41 -9.58 -18.04
CA ALA H 77 10.68 -8.46 -18.94
C ALA H 77 10.47 -7.12 -18.23
N THR H 78 9.41 -7.00 -17.43
CA THR H 78 9.17 -5.77 -16.70
C THR H 78 10.31 -5.51 -15.72
N GLU H 79 10.74 -6.55 -15.00
CA GLU H 79 11.85 -6.35 -14.06
C GLU H 79 13.11 -5.93 -14.81
N ALA H 80 13.37 -6.54 -15.96
CA ALA H 80 14.57 -6.20 -16.72
C ALA H 80 14.52 -4.77 -17.21
N SER H 81 13.34 -4.33 -17.66
CA SER H 81 13.18 -2.95 -18.09
C SER H 81 13.42 -2.00 -16.94
N LYS H 82 12.89 -2.31 -15.77
CA LYS H 82 13.12 -1.46 -14.61
C LYS H 82 14.60 -1.41 -14.25
N LEU H 83 15.28 -2.55 -14.31
CA LEU H 83 16.70 -2.57 -14.03
C LEU H 83 17.47 -1.69 -15.00
N ALA H 84 17.17 -1.81 -16.29
CA ALA H 84 17.87 -1.01 -17.29
C ALA H 84 17.60 0.47 -17.07
N ALA H 85 16.36 0.83 -16.72
CA ALA H 85 16.05 2.22 -16.46
C ALA H 85 16.81 2.73 -15.24
N TYR H 86 16.90 1.91 -14.20
CA TYR H 86 17.57 2.35 -12.97
C TYR H 86 19.01 2.68 -13.24
N ASN H 87 19.69 1.88 -14.04
CA ASN H 87 21.11 2.04 -14.32
C ASN H 87 21.38 3.03 -15.45
N LYS H 88 20.36 3.74 -15.92
CA LYS H 88 20.52 4.72 -16.98
C LYS H 88 21.00 4.09 -18.27
N LYS H 89 20.49 2.90 -18.59
CA LYS H 89 20.85 2.19 -19.82
C LYS H 89 19.63 2.08 -20.72
N SER H 90 19.86 2.19 -22.01
CA SER H 90 18.80 2.06 -23.01
C SER H 90 18.72 0.67 -23.62
N THR H 91 19.48 -0.29 -23.10
CA THR H 91 19.55 -1.63 -23.66
C THR H 91 19.22 -2.67 -22.60
N ILE H 92 18.33 -3.59 -22.96
CA ILE H 92 18.00 -4.74 -22.11
C ILE H 92 18.82 -5.91 -22.63
N SER H 93 19.85 -6.29 -21.89
CA SER H 93 20.78 -7.32 -22.31
C SER H 93 20.51 -8.61 -21.56
N ALA H 94 21.31 -9.64 -21.86
CA ALA H 94 21.14 -10.91 -21.18
C ALA H 94 21.43 -10.80 -19.70
N ARG H 95 22.27 -9.86 -19.31
CA ARG H 95 22.57 -9.69 -17.89
C ARG H 95 21.41 -9.07 -17.14
N GLU H 96 20.66 -8.18 -17.78
CA GLU H 96 19.41 -7.73 -17.20
C GLU H 96 18.48 -8.89 -16.95
N ILE H 97 18.42 -9.83 -17.89
CA ILE H 97 17.55 -10.98 -17.73
C ILE H 97 18.06 -11.88 -16.62
N GLN H 98 19.38 -11.99 -16.46
CA GLN H 98 19.93 -12.80 -15.38
C GLN H 98 19.57 -12.23 -14.01
N THR H 99 19.78 -10.92 -13.83
CA THR H 99 19.38 -10.31 -12.57
C THR H 99 17.88 -10.43 -12.36
N ALA H 100 17.08 -10.24 -13.42
CA ALA H 100 15.64 -10.32 -13.29
C ALA H 100 15.20 -11.72 -12.88
N VAL H 101 15.81 -12.75 -13.48
CA VAL H 101 15.41 -14.11 -13.16
C VAL H 101 15.81 -14.45 -11.73
N ARG H 102 16.95 -13.92 -11.25
CA ARG H 102 17.24 -14.12 -9.83
C ARG H 102 16.22 -13.42 -8.94
N LEU H 103 15.83 -12.19 -9.26
CA LEU H 103 14.85 -11.51 -8.42
C LEU H 103 13.50 -12.22 -8.47
N ILE H 104 13.05 -12.62 -9.67
CA ILE H 104 11.70 -13.14 -9.81
C ILE H 104 11.60 -14.53 -9.19
N LEU H 105 12.43 -15.44 -9.64
CA LEU H 105 12.30 -16.83 -9.24
C LEU H 105 12.85 -17.05 -7.84
N PRO H 106 12.41 -18.11 -7.16
CA PRO H 106 13.01 -18.50 -5.87
C PRO H 106 14.35 -19.19 -6.07
N GLY H 107 14.88 -19.72 -4.98
CA GLY H 107 16.26 -20.17 -4.94
C GLY H 107 16.69 -21.19 -5.97
N GLU H 108 16.24 -22.44 -5.80
CA GLU H 108 16.73 -23.50 -6.68
C GLU H 108 16.30 -23.26 -8.11
N LEU H 109 15.07 -22.78 -8.31
CA LEU H 109 14.63 -22.43 -9.65
C LEU H 109 15.51 -21.35 -10.25
N ALA H 110 15.86 -20.34 -9.46
CA ALA H 110 16.71 -19.28 -9.99
C ALA H 110 18.04 -19.84 -10.43
N LYS H 111 18.65 -20.69 -9.61
CA LYS H 111 19.95 -21.26 -9.98
C LYS H 111 19.86 -22.08 -11.26
N HIS H 112 18.87 -22.97 -11.34
CA HIS H 112 18.77 -23.83 -12.51
C HIS H 112 18.45 -23.02 -13.77
N ALA H 113 17.54 -22.05 -13.67
CA ALA H 113 17.23 -21.22 -14.83
C ALA H 113 18.43 -20.38 -15.26
N VAL H 114 19.25 -19.92 -14.31
CA VAL H 114 20.46 -19.20 -14.68
C VAL H 114 21.40 -20.11 -15.47
N SER H 115 21.58 -21.34 -14.99
CA SER H 115 22.44 -22.27 -15.71
C SER H 115 21.90 -22.55 -17.11
N GLU H 116 20.58 -22.76 -17.21
CA GLU H 116 19.96 -23.02 -18.51
C GLU H 116 20.21 -21.87 -19.47
N GLY H 117 19.97 -20.63 -19.01
CA GLY H 117 20.15 -19.49 -19.87
C GLY H 117 21.60 -19.31 -20.30
N THR H 118 22.54 -19.51 -19.37
CA THR H 118 23.94 -19.34 -19.74
C THR H 118 24.37 -20.38 -20.76
N ARG H 119 23.93 -21.63 -20.60
CA ARG H 119 24.27 -22.62 -21.62
C ARG H 119 23.68 -22.25 -22.97
N ALA H 120 22.43 -21.79 -22.99
CA ALA H 120 21.83 -21.41 -24.27
C ALA H 120 22.61 -20.29 -24.94
N VAL H 121 22.94 -19.24 -24.18
CA VAL H 121 23.65 -18.11 -24.76
C VAL H 121 25.04 -18.52 -25.21
N THR H 122 25.71 -19.40 -24.45
CA THR H 122 27.04 -19.85 -24.85
C THR H 122 26.97 -20.65 -26.14
N LYS H 123 25.97 -21.52 -26.29
CA LYS H 123 25.85 -22.28 -27.52
C LYS H 123 25.51 -21.37 -28.70
N TYR H 124 24.75 -20.31 -28.44
CA TYR H 124 24.42 -19.37 -29.51
C TYR H 124 25.65 -18.57 -29.94
N SER H 125 26.42 -18.07 -28.98
CA SER H 125 27.56 -17.22 -29.32
C SER H 125 28.72 -18.03 -29.88
N SER H 126 28.94 -19.23 -29.36
CA SER H 126 30.00 -20.09 -29.90
C SER H 126 29.73 -20.49 -31.33
N SER H 127 28.48 -20.38 -31.78
CA SER H 127 28.13 -20.75 -33.15
C SER H 127 27.13 -19.74 -33.73
N GLN I 223 29.25 30.44 40.82
CA GLN I 223 28.50 29.16 40.70
C GLN I 223 27.00 29.39 40.83
N ARG I 224 26.61 30.35 41.66
CA ARG I 224 25.20 30.59 41.95
C ARG I 224 24.48 31.13 40.73
N LYS I 225 25.24 31.54 39.70
CA LYS I 225 24.60 32.00 38.47
C LYS I 225 23.75 30.90 37.86
N ASP I 226 24.11 29.63 38.10
CA ASP I 226 23.27 28.54 37.60
C ASP I 226 21.88 28.63 38.19
N SER I 227 21.77 29.02 39.47
CA SER I 227 20.47 29.17 40.09
C SER I 227 19.60 30.17 39.34
N HIS I 228 20.15 31.36 39.10
CA HIS I 228 19.47 32.35 38.27
C HIS I 228 19.09 31.73 36.93
N LYS I 229 19.95 30.86 36.40
CA LYS I 229 19.68 30.25 35.11
C LYS I 229 18.42 29.39 35.15
N GLU I 230 18.30 28.48 36.14
CA GLU I 230 17.12 27.62 36.09
C GLU I 230 15.88 28.40 36.49
N VAL I 231 16.00 29.42 37.33
CA VAL I 231 14.82 30.21 37.62
C VAL I 231 14.35 30.95 36.37
N GLU I 232 15.30 31.43 35.55
CA GLU I 232 14.93 32.03 34.28
C GLU I 232 14.28 31.02 33.36
N ARG I 233 14.82 29.78 33.33
CA ARG I 233 14.23 28.74 32.50
C ARG I 233 12.80 28.44 32.94
N ARG I 234 12.56 28.37 34.25
CA ARG I 234 11.21 28.15 34.76
C ARG I 234 10.31 29.32 34.40
N ARG I 235 10.83 30.55 34.48
CA ARG I 235 10.05 31.72 34.09
C ARG I 235 9.61 31.59 32.63
N ARG I 236 10.55 31.28 31.74
CA ARG I 236 10.24 31.14 30.32
C ARG I 236 9.23 30.02 30.11
N GLU I 237 9.42 28.89 30.79
CA GLU I 237 8.50 27.77 30.67
C GLU I 237 7.09 28.17 31.07
N ASN I 238 6.97 28.83 32.23
CA ASN I 238 5.64 29.21 32.71
C ASN I 238 4.97 30.19 31.76
N ILE I 239 5.70 31.19 31.27
CA ILE I 239 5.08 32.17 30.39
C ILE I 239 4.68 31.52 29.08
N ASN I 240 5.53 30.63 28.55
CA ASN I 240 5.19 29.94 27.31
C ASN I 240 3.97 29.05 27.49
N THR I 241 3.87 28.39 28.64
CA THR I 241 2.69 27.57 28.91
C THR I 241 1.44 28.43 28.97
N ALA I 242 1.53 29.59 29.64
CA ALA I 242 0.39 30.48 29.69
C ALA I 242 0.00 30.93 28.29
N ILE I 243 0.99 31.27 27.47
CA ILE I 243 0.72 31.74 26.11
C ILE I 243 0.09 30.63 25.29
N ASN I 244 0.55 29.39 25.49
CA ASN I 244 -0.08 28.25 24.83
C ASN I 244 -1.53 28.10 25.26
N VAL I 245 -1.81 28.34 26.55
CA VAL I 245 -3.19 28.30 27.02
C VAL I 245 -4.00 29.38 26.33
N LEU I 246 -3.45 30.58 26.21
CA LEU I 246 -4.12 31.63 25.46
C LEU I 246 -4.46 31.16 24.05
N SER I 247 -3.45 30.65 23.34
CA SER I 247 -3.67 30.26 21.95
C SER I 247 -4.73 29.17 21.85
N ASP I 248 -4.69 28.20 22.76
CA ASP I 248 -5.75 27.20 22.80
C ASP I 248 -7.10 27.85 23.05
N LEU I 249 -7.12 28.95 23.81
CA LEU I 249 -8.36 29.69 24.01
C LEU I 249 -8.70 30.53 22.79
N LEU I 250 -7.69 31.05 22.10
CA LEU I 250 -7.87 31.91 20.93
C LEU I 250 -7.00 31.38 19.80
N PRO I 251 -7.45 30.31 19.12
CA PRO I 251 -6.64 29.71 18.05
C PRO I 251 -6.55 30.54 16.79
N VAL I 252 -7.02 31.79 16.80
CA VAL I 252 -7.03 32.60 15.58
C VAL I 252 -5.61 32.75 15.04
N ARG I 253 -4.67 33.14 15.91
CA ARG I 253 -3.28 33.30 15.52
C ARG I 253 -2.38 32.84 16.66
N GLU I 254 -1.33 32.11 16.30
CA GLU I 254 -0.47 31.48 17.29
C GLU I 254 1.01 31.66 16.97
N SER I 255 1.32 32.09 15.75
CA SER I 255 2.70 32.06 15.28
C SER I 255 3.60 32.98 16.12
N SER I 256 3.19 34.24 16.27
CA SER I 256 4.06 35.26 16.83
C SER I 256 3.38 35.94 18.01
N LYS I 257 4.18 36.26 19.04
CA LYS I 257 3.62 36.81 20.27
C LYS I 257 2.72 38.00 20.00
N ALA I 258 3.14 38.88 19.11
CA ALA I 258 2.32 40.03 18.78
C ALA I 258 0.95 39.59 18.28
N ALA I 259 0.90 38.53 17.49
CA ALA I 259 -0.37 38.06 16.95
C ALA I 259 -1.29 37.59 18.07
N ILE I 260 -0.77 36.82 19.03
CA ILE I 260 -1.59 36.35 20.13
C ILE I 260 -2.09 37.53 20.95
N LEU I 261 -1.22 38.50 21.21
CA LEU I 261 -1.65 39.65 22.00
C LEU I 261 -2.75 40.41 21.27
N ALA I 262 -2.58 40.62 19.96
CA ALA I 262 -3.57 41.36 19.21
C ALA I 262 -4.91 40.63 19.20
N CYS I 263 -4.88 39.31 19.01
CA CYS I 263 -6.12 38.54 19.03
C CYS I 263 -6.80 38.64 20.39
N ALA I 264 -6.04 38.49 21.47
CA ALA I 264 -6.61 38.58 22.80
C ALA I 264 -7.19 39.97 23.05
N ALA I 265 -6.48 41.02 22.62
CA ALA I 265 -6.97 42.37 22.82
C ALA I 265 -8.27 42.60 22.07
N GLU I 266 -8.34 42.15 20.82
CA GLU I 266 -9.57 42.29 20.05
C GLU I 266 -10.70 41.54 20.74
N TYR I 267 -10.41 40.34 21.24
CA TYR I 267 -11.42 39.57 21.94
C TYR I 267 -11.92 40.31 23.18
N ILE I 268 -10.99 40.90 23.93
CA ILE I 268 -11.38 41.61 25.15
C ILE I 268 -12.23 42.82 24.82
N GLN I 269 -11.85 43.58 23.79
CA GLN I 269 -12.66 44.72 23.39
C GLN I 269 -14.06 44.28 22.97
N LYS I 270 -14.14 43.18 22.22
CA LYS I 270 -15.44 42.68 21.79
C LYS I 270 -16.30 42.29 22.98
N LEU I 271 -15.72 41.59 23.94
CA LEU I 271 -16.47 41.20 25.13
C LEU I 271 -16.96 42.43 25.90
N LYS I 272 -16.10 43.45 26.03
CA LYS I 272 -16.50 44.64 26.75
C LYS I 272 -17.67 45.34 26.06
N GLU I 273 -17.58 45.49 24.74
CA GLU I 273 -18.67 46.13 24.01
C GLU I 273 -19.95 45.34 24.13
N THR I 274 -19.86 44.01 24.01
CA THR I 274 -21.06 43.18 24.11
C THR I 274 -21.66 43.26 25.51
N ASP I 275 -20.82 43.30 26.55
CA ASP I 275 -21.34 43.43 27.90
C ASP I 275 -22.06 44.76 28.10
N GLU I 276 -21.47 45.85 27.61
CA GLU I 276 -22.15 47.14 27.70
C GLU I 276 -23.50 47.08 27.01
N ALA I 277 -23.52 46.55 25.79
CA ALA I 277 -24.78 46.47 25.05
C ALA I 277 -25.80 45.59 25.78
N ASN I 278 -25.34 44.49 26.37
CA ASN I 278 -26.25 43.58 27.04
C ASN I 278 -26.88 44.26 28.26
N ILE I 279 -26.07 44.94 29.06
CA ILE I 279 -26.61 45.63 30.24
C ILE I 279 -27.59 46.71 29.81
N GLU I 280 -27.24 47.47 28.77
CA GLU I 280 -28.13 48.54 28.33
C GLU I 280 -29.43 48.01 27.75
N LYS I 281 -29.39 46.88 27.05
CA LYS I 281 -30.62 46.28 26.53
C LYS I 281 -31.46 45.70 27.65
N TRP I 282 -30.81 45.11 28.67
CA TRP I 282 -31.55 44.61 29.82
C TRP I 282 -32.25 45.75 30.55
N THR I 283 -31.60 46.91 30.65
CA THR I 283 -32.23 48.06 31.28
C THR I 283 -33.51 48.45 30.54
N LEU I 284 -33.46 48.52 29.20
CA LEU I 284 -34.64 48.86 28.42
C LEU I 284 -35.73 47.79 28.56
N GLN I 285 -35.33 46.51 28.56
CA GLN I 285 -36.29 45.44 28.76
C GLN I 285 -37.01 45.60 30.09
N LYS I 286 -36.25 45.87 31.16
CA LYS I 286 -36.87 46.06 32.47
C LYS I 286 -37.78 47.28 32.48
N LEU I 287 -37.35 48.38 31.86
CA LEU I 287 -38.17 49.60 31.85
C LEU I 287 -39.49 49.38 31.10
N LEU I 288 -39.43 48.73 29.94
CA LEU I 288 -40.62 48.55 29.12
C LEU I 288 -41.48 47.38 29.56
N SER I 289 -40.95 46.49 30.40
CA SER I 289 -41.70 45.33 30.85
C SER I 289 -40.91 44.60 31.92
N GLN J 223 28.91 44.30 11.09
CA GLN J 223 28.07 45.28 10.36
C GLN J 223 26.63 44.80 10.32
N ARG J 224 26.44 43.60 9.76
CA ARG J 224 25.11 43.02 9.62
C ARG J 224 24.44 42.80 10.96
N LYS J 225 25.22 42.76 12.05
CA LYS J 225 24.64 42.53 13.37
C LYS J 225 23.67 43.63 13.74
N ASP J 226 23.99 44.88 13.40
CA ASP J 226 23.22 46.03 13.88
C ASP J 226 21.77 45.93 13.45
N SER J 227 21.52 45.65 12.17
CA SER J 227 20.14 45.58 11.70
C SER J 227 19.37 44.49 12.42
N HIS J 228 19.98 43.32 12.60
CA HIS J 228 19.30 42.21 13.24
C HIS J 228 18.96 42.53 14.68
N LYS J 229 19.92 43.10 15.42
CA LYS J 229 19.66 43.44 16.81
C LYS J 229 18.63 44.56 16.92
N GLU J 230 18.65 45.52 15.99
CA GLU J 230 17.66 46.59 16.02
C GLU J 230 16.26 46.05 15.77
N VAL J 231 16.11 45.10 14.84
CA VAL J 231 14.77 44.54 14.62
C VAL J 231 14.35 43.72 15.83
N GLU J 232 15.29 43.01 16.46
CA GLU J 232 14.95 42.26 17.67
C GLU J 232 14.48 43.22 18.77
N ARG J 233 15.20 44.33 18.95
CA ARG J 233 14.80 45.35 19.91
C ARG J 233 13.43 45.88 19.57
N ARG J 234 13.20 46.17 18.29
CA ARG J 234 11.92 46.72 17.87
C ARG J 234 10.79 45.77 18.25
N ARG J 235 10.98 44.48 17.97
CA ARG J 235 9.91 43.52 18.23
C ARG J 235 9.67 43.36 19.71
N ARG J 236 10.75 43.20 20.48
CA ARG J 236 10.62 42.92 21.89
C ARG J 236 9.99 44.10 22.62
N GLU J 237 10.44 45.32 22.29
CA GLU J 237 9.81 46.50 22.86
C GLU J 237 8.39 46.69 22.33
N ASN J 238 8.10 46.23 21.11
CA ASN J 238 6.72 46.26 20.64
C ASN J 238 5.83 45.36 21.48
N ILE J 239 6.30 44.14 21.77
CA ILE J 239 5.55 43.24 22.62
C ILE J 239 5.41 43.83 24.02
N ASN J 240 6.47 44.48 24.49
CA ASN J 240 6.41 45.14 25.79
C ASN J 240 5.31 46.19 25.81
N THR J 241 5.33 47.10 24.84
CA THR J 241 4.30 48.14 24.78
C THR J 241 2.92 47.54 24.57
N ALA J 242 2.83 46.42 23.86
CA ALA J 242 1.55 45.76 23.65
C ALA J 242 0.98 45.25 24.97
N ILE J 243 1.80 44.53 25.74
CA ILE J 243 1.35 44.10 27.06
C ILE J 243 1.10 45.30 27.96
N ASN J 244 1.80 46.41 27.73
CA ASN J 244 1.54 47.61 28.52
C ASN J 244 0.17 48.19 28.23
N VAL J 245 -0.22 48.24 26.97
CA VAL J 245 -1.56 48.73 26.65
C VAL J 245 -2.59 47.75 27.17
N LEU J 246 -2.30 46.45 27.13
CA LEU J 246 -3.22 45.48 27.73
C LEU J 246 -3.38 45.70 29.23
N SER J 247 -2.26 45.93 29.93
CA SER J 247 -2.29 46.18 31.37
C SER J 247 -3.01 47.48 31.70
N ASP J 248 -2.86 48.50 30.85
CA ASP J 248 -3.73 49.66 30.97
C ASP J 248 -5.19 49.25 30.82
N LEU J 249 -5.45 48.32 29.89
CA LEU J 249 -6.79 47.75 29.79
C LEU J 249 -7.02 46.67 30.84
N LEU J 250 -5.97 46.23 31.54
CA LEU J 250 -6.05 45.18 32.54
C LEU J 250 -5.38 45.63 33.83
N PRO J 251 -5.98 46.60 34.53
CA PRO J 251 -5.39 47.10 35.79
C PRO J 251 -5.86 46.34 37.02
N VAL J 252 -5.47 45.07 37.12
CA VAL J 252 -5.90 44.20 38.20
C VAL J 252 -4.77 43.44 38.87
N ARG J 253 -3.60 43.32 38.22
CA ARG J 253 -2.49 42.58 38.83
C ARG J 253 -1.27 43.46 38.99
N GLU J 254 -0.93 44.25 37.97
CA GLU J 254 0.21 45.16 38.02
C GLU J 254 1.46 44.48 38.56
N SER J 255 1.59 43.18 38.29
CA SER J 255 2.77 42.42 38.69
C SER J 255 3.80 42.46 37.57
N SER J 256 4.82 41.62 37.66
CA SER J 256 5.87 41.63 36.65
C SER J 256 5.33 41.11 35.31
N LYS J 257 6.22 41.10 34.32
CA LYS J 257 5.83 40.74 32.96
C LYS J 257 5.23 39.34 32.89
N ALA J 258 5.89 38.36 33.51
CA ALA J 258 5.37 37.00 33.50
C ALA J 258 4.08 36.90 34.30
N ALA J 259 4.05 37.51 35.49
CA ALA J 259 2.83 37.52 36.27
C ALA J 259 1.73 38.28 35.54
N ILE J 260 2.08 39.32 34.80
CA ILE J 260 1.08 40.07 34.07
C ILE J 260 0.51 39.24 32.93
N LEU J 261 1.36 38.43 32.28
CA LEU J 261 0.85 37.51 31.27
C LEU J 261 -0.10 36.50 31.91
N ALA J 262 0.26 35.98 33.08
CA ALA J 262 -0.63 35.09 33.80
C ALA J 262 -1.95 35.78 34.11
N CYS J 263 -1.88 37.04 34.53
CA CYS J 263 -3.08 37.82 34.77
C CYS J 263 -3.94 37.92 33.52
N ALA J 264 -3.31 38.20 32.38
CA ALA J 264 -4.07 38.26 31.15
C ALA J 264 -4.79 36.96 30.88
N ALA J 265 -4.08 35.83 31.03
CA ALA J 265 -4.68 34.52 30.80
C ALA J 265 -5.90 34.33 31.69
N GLU J 266 -5.72 34.51 33.00
CA GLU J 266 -6.80 34.24 33.93
C GLU J 266 -7.96 35.20 33.71
N TYR J 267 -7.66 36.48 33.45
CA TYR J 267 -8.74 37.45 33.29
C TYR J 267 -9.53 37.18 32.03
N ILE J 268 -8.85 36.79 30.95
CA ILE J 268 -9.58 36.44 29.73
C ILE J 268 -10.43 35.20 29.97
N GLN J 269 -9.90 34.22 30.69
CA GLN J 269 -10.68 33.02 30.98
C GLN J 269 -11.94 33.39 31.78
N LYS J 270 -11.78 34.22 32.79
CA LYS J 270 -12.93 34.58 33.63
C LYS J 270 -13.90 35.46 32.87
N LEU J 271 -13.42 36.32 31.97
CA LEU J 271 -14.34 37.11 31.17
C LEU J 271 -15.15 36.22 30.22
N LYS J 272 -14.50 35.25 29.59
CA LYS J 272 -15.25 34.33 28.74
C LYS J 272 -16.31 33.59 29.55
N GLU J 273 -15.92 33.05 30.70
CA GLU J 273 -16.87 32.28 31.47
C GLU J 273 -18.01 33.17 31.98
N THR J 274 -17.69 34.40 32.40
CA THR J 274 -18.73 35.30 32.87
C THR J 274 -19.69 35.68 31.76
N ASP J 275 -19.17 35.90 30.55
CA ASP J 275 -20.03 36.20 29.42
C ASP J 275 -20.97 35.04 29.14
N GLU J 276 -20.43 33.82 29.10
CA GLU J 276 -21.29 32.68 28.79
C GLU J 276 -22.32 32.47 29.90
N ALA J 277 -21.92 32.67 31.16
CA ALA J 277 -22.83 32.47 32.28
C ALA J 277 -23.97 33.50 32.25
N ASN J 278 -23.63 34.78 32.02
CA ASN J 278 -24.67 35.79 31.90
C ASN J 278 -25.58 35.52 30.73
N ILE J 279 -25.03 35.08 29.59
CA ILE J 279 -25.86 34.73 28.45
C ILE J 279 -26.83 33.62 28.83
N GLU J 280 -26.34 32.55 29.46
CA GLU J 280 -27.20 31.43 29.81
C GLU J 280 -28.29 31.85 30.79
N LYS J 281 -27.90 32.54 31.86
CA LYS J 281 -28.88 32.87 32.90
C LYS J 281 -29.93 33.85 32.36
N TRP J 282 -29.53 34.84 31.58
CA TRP J 282 -30.55 35.75 31.06
C TRP J 282 -31.34 35.12 29.92
N THR J 283 -30.78 34.12 29.23
CA THR J 283 -31.60 33.36 28.28
C THR J 283 -32.66 32.57 29.02
N LEU J 284 -32.31 32.02 30.18
CA LEU J 284 -33.32 31.36 31.01
C LEU J 284 -34.39 32.35 31.44
N GLN J 285 -33.98 33.57 31.83
CA GLN J 285 -34.96 34.58 32.21
C GLN J 285 -35.88 34.92 31.03
N LYS J 286 -35.31 35.04 29.83
CA LYS J 286 -36.12 35.30 28.65
C LYS J 286 -37.11 34.16 28.42
N LEU J 287 -36.64 32.92 28.49
CA LEU J 287 -37.52 31.77 28.31
C LEU J 287 -38.66 31.81 29.31
N LEU J 288 -38.37 32.23 30.55
CA LEU J 288 -39.43 32.45 31.52
C LEU J 288 -40.40 33.52 31.02
N SER J 289 -39.86 34.61 30.49
CA SER J 289 -40.68 35.65 29.84
C SER J 289 -39.78 36.68 29.15
#